data_5FEM
#
_entry.id   5FEM
#
_cell.length_a   154.673
_cell.length_b   154.673
_cell.length_c   178.385
_cell.angle_alpha   90.00
_cell.angle_beta   90.00
_cell.angle_gamma   90.00
#
_symmetry.space_group_name_H-M   'P 4 2 2'
#
loop_
_entity.id
_entity.type
_entity.pdbx_description
1 polymer 'Acetolactate synthase catalytic subunit, mitochondrial'
2 non-polymer 'MAGNESIUM ION'
3 non-polymer 'FLAVIN-ADENINE DINUCLEOTIDE'
4 non-polymer 'methyl 2-[(4,6-dimethoxypyrimidin-2-yl)carbamoylsulfamoylmethyl]benzoate'
5 non-polymer 'THIAMINE DIPHOSPHATE'
6 water water
#
_entity_poly.entity_id   1
_entity_poly.type   'polypeptide(L)'
_entity_poly.pdbx_seq_one_letter_code
;MHHHHHHSSGLVPRGSGMKETAAAKFERQHMDSPDLGTDDDDKAMGSAPSFNVDPLEQPAEPSKLAKKLRAEPDMDTSFV
GLTGGQIFNEMMSRQNVDTVFGYPGGAILPVYDAIHNSDKFNFVLPKHEQGAGHMAEGYARASGKPGVVLVTSGPGATNV
VTPMADAFADGIPMVVFTGQVPTSAIGTDAFQEADVVGISRSCTKWNVMVKSVEELPLRINEAFEIATSGRPGPVLVDLP
KDVTAAILRNPIPTKTTLPSNALNQLTSRAQDEFVMQSINKAADLINLAKKPVLYVGAGILNHADGPRLLKELSDRAQIP
VTTTLQGLGSFDQEDPKSLDMLGMHGCATANLAVQNADLIIAVGARFDDRVTGNISKFAPEARRAAAEGRGGIIHFEVSP
KNINKVVQTQIAVEGDATTNLGKMMSKIFPVKERSEWFAQINKWKKEYPYAYMEETPGSKIKPQTVIKKLSKVANDTGRH
VIVTTGVGQHQMWAAQHWTWRNPHTFITSGGLGTMGYGLPAAIGAQVAKPESLVIDIDGDASFNMTLTELSSAVQAGTPV
KILILNNEEQGMVTQWQSLFYEHRYSHTHQLNPDFIKLAEAMGLKGLRVKKQEELDAKLKEFVSTKGPVLLEVEVDKKVP
VLPMVAGGSGLDEFINFDPEVERQQTELRHKRTGGKH
;
_entity_poly.pdbx_strand_id   A,B
#
loop_
_chem_comp.id
_chem_comp.type
_chem_comp.name
_chem_comp.formula
60G non-polymer 'methyl 2-[(4,6-dimethoxypyrimidin-2-yl)carbamoylsulfamoylmethyl]benzoate' 'C16 H18 N4 O7 S'
FAD non-polymer 'FLAVIN-ADENINE DINUCLEOTIDE' 'C27 H33 N9 O15 P2'
MG non-polymer 'MAGNESIUM ION' 'Mg 2'
TPP non-polymer 'THIAMINE DIPHOSPHATE' 'C12 H19 N4 O7 P2 S 1'
#
# COMPACT_ATOMS: atom_id res chain seq x y z
N PRO A 73 -33.26 -2.29 -28.44
CA PRO A 73 -32.21 -1.32 -28.77
C PRO A 73 -31.46 -1.70 -30.06
N ASP A 74 -30.80 -0.73 -30.67
CA ASP A 74 -29.93 -1.00 -31.81
C ASP A 74 -28.73 -1.84 -31.35
N MET A 75 -28.27 -2.75 -32.21
CA MET A 75 -27.20 -3.67 -31.81
C MET A 75 -25.88 -3.43 -32.55
N ASP A 76 -24.78 -3.72 -31.87
CA ASP A 76 -23.45 -3.60 -32.45
C ASP A 76 -22.74 -4.95 -32.48
N THR A 77 -22.18 -5.31 -33.63
CA THR A 77 -21.56 -6.62 -33.83
C THR A 77 -20.05 -6.53 -33.99
N SER A 78 -19.52 -5.31 -33.97
CA SER A 78 -18.10 -5.08 -34.28
C SER A 78 -17.13 -5.75 -33.31
N PHE A 79 -17.58 -6.07 -32.10
CA PHE A 79 -16.71 -6.70 -31.10
C PHE A 79 -16.89 -8.22 -31.04
N VAL A 80 -17.90 -8.74 -31.72
CA VAL A 80 -18.19 -10.17 -31.67
C VAL A 80 -16.98 -10.98 -32.18
N GLY A 81 -16.51 -11.92 -31.37
CA GLY A 81 -15.36 -12.73 -31.74
C GLY A 81 -14.08 -12.32 -31.01
N LEU A 82 -14.08 -11.13 -30.43
CA LEU A 82 -12.93 -10.65 -29.66
C LEU A 82 -13.00 -11.14 -28.21
N THR A 83 -11.84 -11.29 -27.57
CA THR A 83 -11.82 -11.59 -26.15
C THR A 83 -12.10 -10.31 -25.38
N GLY A 84 -12.44 -10.46 -24.10
CA GLY A 84 -12.61 -9.30 -23.23
C GLY A 84 -11.34 -8.46 -23.21
N GLY A 85 -10.19 -9.12 -23.21
CA GLY A 85 -8.92 -8.41 -23.20
C GLY A 85 -8.75 -7.56 -24.45
N GLN A 86 -9.10 -8.14 -25.59
CA GLN A 86 -9.02 -7.42 -26.85
C GLN A 86 -9.98 -6.24 -26.89
N ILE A 87 -11.16 -6.44 -26.28
CA ILE A 87 -12.15 -5.37 -26.20
C ILE A 87 -11.63 -4.24 -25.30
N PHE A 88 -10.95 -4.61 -24.22
CA PHE A 88 -10.33 -3.62 -23.36
C PHE A 88 -9.36 -2.75 -24.18
N ASN A 89 -8.46 -3.42 -24.90
CA ASN A 89 -7.46 -2.75 -25.72
C ASN A 89 -8.14 -1.76 -26.68
N GLU A 90 -9.18 -2.22 -27.38
CA GLU A 90 -9.91 -1.35 -28.29
C GLU A 90 -10.59 -0.17 -27.61
N MET A 91 -11.16 -0.39 -26.42
CA MET A 91 -11.83 0.69 -25.70
C MET A 91 -10.87 1.80 -25.26
N MET A 92 -9.60 1.45 -25.02
CA MET A 92 -8.63 2.44 -24.60
C MET A 92 -8.45 3.51 -25.69
N SER A 93 -8.30 3.10 -26.94
CA SER A 93 -8.17 4.09 -28.00
C SER A 93 -9.46 4.89 -28.17
N ARG A 94 -10.60 4.24 -27.94
N ARG A 94 -10.60 4.24 -27.93
CA ARG A 94 -11.89 4.92 -28.05
CA ARG A 94 -11.90 4.90 -28.05
C ARG A 94 -12.11 5.93 -26.93
C ARG A 94 -12.14 5.90 -26.92
N GLN A 95 -11.44 5.73 -25.81
CA GLN A 95 -11.54 6.65 -24.68
C GLN A 95 -10.38 7.64 -24.66
N ASN A 96 -9.66 7.74 -25.78
CA ASN A 96 -8.54 8.68 -25.90
C ASN A 96 -7.43 8.48 -24.84
N VAL A 97 -7.20 7.23 -24.47
CA VAL A 97 -6.14 6.93 -23.50
C VAL A 97 -4.80 6.80 -24.21
N ASP A 98 -3.81 7.60 -23.80
CA ASP A 98 -2.49 7.53 -24.44
C ASP A 98 -1.43 6.90 -23.52
N THR A 99 -1.79 6.69 -22.26
CA THR A 99 -0.84 6.19 -21.28
C THR A 99 -1.53 5.28 -20.28
N VAL A 100 -0.92 4.14 -20.00
CA VAL A 100 -1.40 3.23 -18.96
C VAL A 100 -0.28 2.93 -17.98
N PHE A 101 -0.57 3.04 -16.70
CA PHE A 101 0.39 2.72 -15.64
C PHE A 101 -0.05 1.41 -15.01
N GLY A 102 0.84 0.43 -14.92
CA GLY A 102 0.41 -0.87 -14.41
C GLY A 102 1.49 -1.88 -14.11
N TYR A 103 1.05 -3.04 -13.62
CA TYR A 103 1.95 -4.11 -13.23
C TYR A 103 1.20 -5.43 -13.39
N PRO A 104 1.78 -6.37 -14.15
CA PRO A 104 1.09 -7.62 -14.49
C PRO A 104 1.00 -8.63 -13.36
N GLY A 105 0.14 -9.62 -13.55
CA GLY A 105 -0.04 -10.72 -12.61
C GLY A 105 -1.02 -11.73 -13.21
N GLY A 106 -1.18 -12.87 -12.54
CA GLY A 106 -2.00 -13.96 -13.04
C GLY A 106 -3.40 -13.57 -13.53
N ALA A 107 -4.20 -12.97 -12.65
CA ALA A 107 -5.60 -12.71 -12.96
C ALA A 107 -5.80 -11.74 -14.13
N ILE A 108 -4.81 -10.89 -14.37
CA ILE A 108 -4.95 -9.84 -15.38
C ILE A 108 -4.17 -10.21 -16.66
N LEU A 109 -3.60 -11.41 -16.69
CA LEU A 109 -2.87 -11.90 -17.85
C LEU A 109 -3.56 -11.79 -19.22
N PRO A 110 -4.87 -12.13 -19.30
CA PRO A 110 -5.53 -12.03 -20.61
C PRO A 110 -5.57 -10.60 -21.13
N VAL A 111 -5.58 -9.61 -20.24
CA VAL A 111 -5.56 -8.22 -20.68
C VAL A 111 -4.13 -7.86 -21.12
N TYR A 112 -3.14 -8.30 -20.35
CA TYR A 112 -1.75 -8.05 -20.72
C TYR A 112 -1.37 -8.68 -22.05
N ASP A 113 -1.88 -9.87 -22.34
CA ASP A 113 -1.61 -10.48 -23.63
C ASP A 113 -2.21 -9.65 -24.78
N ALA A 114 -3.35 -9.01 -24.51
CA ALA A 114 -4.04 -8.23 -25.53
C ALA A 114 -3.37 -6.89 -25.83
N ILE A 115 -2.67 -6.34 -24.84
CA ILE A 115 -1.99 -5.06 -25.02
C ILE A 115 -0.51 -5.26 -25.33
N HIS A 116 -0.11 -6.52 -25.48
CA HIS A 116 1.28 -6.84 -25.84
C HIS A 116 1.65 -6.13 -27.15
N ASN A 117 2.69 -5.29 -27.08
CA ASN A 117 3.17 -4.56 -28.25
C ASN A 117 2.17 -3.55 -28.83
N SER A 118 1.14 -3.19 -28.08
CA SER A 118 0.12 -2.27 -28.58
C SER A 118 0.71 -0.88 -28.86
N ASP A 119 0.44 -0.33 -30.03
CA ASP A 119 0.86 1.04 -30.29
C ASP A 119 -0.21 2.06 -29.91
N LYS A 120 -1.27 1.59 -29.24
CA LYS A 120 -2.38 2.46 -28.85
C LYS A 120 -1.99 3.42 -27.73
N PHE A 121 -1.06 3.00 -26.88
CA PHE A 121 -0.66 3.81 -25.73
C PHE A 121 0.74 3.46 -25.23
N ASN A 122 1.35 4.37 -24.49
CA ASN A 122 2.58 4.07 -23.78
C ASN A 122 2.26 3.37 -22.47
N PHE A 123 2.98 2.28 -22.19
CA PHE A 123 2.80 1.59 -20.91
C PHE A 123 3.94 1.94 -19.97
N VAL A 124 3.61 2.30 -18.73
CA VAL A 124 4.64 2.63 -17.75
C VAL A 124 4.63 1.61 -16.61
N LEU A 125 5.78 0.98 -16.43
CA LEU A 125 5.95 -0.09 -15.43
C LEU A 125 6.68 0.47 -14.21
N PRO A 126 5.99 0.54 -13.06
CA PRO A 126 6.64 0.95 -11.81
C PRO A 126 7.23 -0.29 -11.13
N LYS A 127 7.79 -0.13 -9.94
CA LYS A 127 8.29 -1.27 -9.18
C LYS A 127 7.25 -1.79 -8.18
N HIS A 128 6.26 -0.95 -7.88
CA HIS A 128 5.24 -1.25 -6.87
C HIS A 128 3.94 -0.62 -7.36
N GLU A 129 2.81 -1.32 -7.20
CA GLU A 129 1.53 -0.79 -7.70
C GLU A 129 1.15 0.57 -7.12
N GLN A 130 1.53 0.82 -5.86
CA GLN A 130 1.25 2.13 -5.27
C GLN A 130 1.92 3.20 -6.12
N GLY A 131 3.08 2.85 -6.69
CA GLY A 131 3.77 3.74 -7.61
C GLY A 131 2.95 3.99 -8.86
N ALA A 132 2.33 2.95 -9.41
CA ALA A 132 1.48 3.12 -10.59
C ALA A 132 0.34 4.09 -10.28
N GLY A 133 -0.26 3.94 -9.10
CA GLY A 133 -1.36 4.78 -8.69
C GLY A 133 -0.99 6.25 -8.58
N HIS A 134 0.10 6.54 -7.87
CA HIS A 134 0.55 7.92 -7.72
C HIS A 134 1.07 8.51 -9.04
N MET A 135 1.67 7.66 -9.88
CA MET A 135 2.07 8.11 -11.21
C MET A 135 0.85 8.54 -12.00
N ALA A 136 -0.21 7.73 -11.94
CA ALA A 136 -1.45 8.04 -12.64
C ALA A 136 -2.02 9.37 -12.14
N GLU A 137 -1.94 9.60 -10.84
CA GLU A 137 -2.41 10.87 -10.27
C GLU A 137 -1.63 12.06 -10.80
N GLY A 138 -0.30 11.96 -10.80
CA GLY A 138 0.53 13.04 -11.31
C GLY A 138 0.24 13.28 -12.78
N TYR A 139 0.09 12.20 -13.53
CA TYR A 139 -0.23 12.27 -14.95
C TYR A 139 -1.55 13.03 -15.15
N ALA A 140 -2.54 12.70 -14.33
CA ALA A 140 -3.84 13.34 -14.43
C ALA A 140 -3.77 14.84 -14.10
N ARG A 141 -3.07 15.19 -13.01
CA ARG A 141 -3.01 16.58 -12.57
C ARG A 141 -2.29 17.43 -13.62
N ALA A 142 -1.33 16.84 -14.31
CA ALA A 142 -0.55 17.57 -15.30
C ALA A 142 -1.25 17.67 -16.66
N SER A 143 -2.03 16.65 -17.02
CA SER A 143 -2.58 16.55 -18.37
C SER A 143 -4.04 16.99 -18.46
N GLY A 144 -4.78 16.89 -17.36
CA GLY A 144 -6.22 17.11 -17.44
C GLY A 144 -6.98 15.87 -17.92
N LYS A 145 -6.26 14.77 -18.15
CA LYS A 145 -6.87 13.53 -18.59
C LYS A 145 -6.90 12.53 -17.42
N PRO A 146 -7.84 11.57 -17.45
CA PRO A 146 -7.83 10.60 -16.35
C PRO A 146 -6.58 9.71 -16.39
N GLY A 147 -6.02 9.40 -15.22
CA GLY A 147 -4.91 8.48 -15.14
C GLY A 147 -5.46 7.06 -15.14
N VAL A 148 -4.88 6.20 -15.96
CA VAL A 148 -5.39 4.84 -16.09
C VAL A 148 -4.42 3.84 -15.48
N VAL A 149 -4.92 3.01 -14.57
CA VAL A 149 -4.11 2.04 -13.86
C VAL A 149 -4.57 0.63 -14.20
N LEU A 150 -3.62 -0.28 -14.40
CA LEU A 150 -3.95 -1.66 -14.76
C LEU A 150 -3.15 -2.65 -13.91
N VAL A 151 -3.79 -3.26 -12.91
CA VAL A 151 -3.07 -4.15 -12.00
C VAL A 151 -3.76 -5.50 -11.81
N THR A 152 -3.11 -6.44 -11.13
CA THR A 152 -3.66 -7.77 -10.97
C THR A 152 -4.54 -7.89 -9.73
N SER A 153 -5.10 -9.08 -9.49
CA SER A 153 -5.99 -9.28 -8.35
C SER A 153 -5.21 -9.28 -7.03
N GLY A 154 -5.94 -9.44 -5.93
CA GLY A 154 -5.33 -9.59 -4.62
C GLY A 154 -4.42 -8.44 -4.25
N PRO A 155 -3.14 -8.74 -4.03
CA PRO A 155 -2.19 -7.74 -3.54
C PRO A 155 -1.90 -6.66 -4.57
N GLY A 156 -2.13 -6.96 -5.84
CA GLY A 156 -2.03 -5.93 -6.87
C GLY A 156 -3.06 -4.86 -6.61
N ALA A 157 -4.27 -5.29 -6.29
CA ALA A 157 -5.38 -4.37 -6.04
C ALA A 157 -5.26 -3.66 -4.69
N THR A 158 -4.92 -4.41 -3.64
CA THR A 158 -4.81 -3.80 -2.32
C THR A 158 -3.68 -2.75 -2.30
N ASN A 159 -2.66 -2.95 -3.11
CA ASN A 159 -1.55 -1.98 -3.21
C ASN A 159 -1.94 -0.63 -3.85
N VAL A 160 -3.15 -0.52 -4.40
CA VAL A 160 -3.55 0.77 -4.97
C VAL A 160 -4.62 1.48 -4.14
N VAL A 161 -4.92 0.95 -2.97
CA VAL A 161 -5.93 1.57 -2.11
C VAL A 161 -5.51 2.99 -1.67
N THR A 162 -4.25 3.14 -1.29
CA THR A 162 -3.75 4.45 -0.88
C THR A 162 -3.88 5.51 -2.00
N PRO A 163 -3.40 5.20 -3.23
CA PRO A 163 -3.56 6.19 -4.30
C PRO A 163 -5.03 6.49 -4.64
N MET A 164 -5.90 5.48 -4.56
CA MET A 164 -7.33 5.72 -4.79
C MET A 164 -7.90 6.65 -3.72
N ALA A 165 -7.61 6.36 -2.46
CA ALA A 165 -8.09 7.21 -1.37
C ALA A 165 -7.51 8.62 -1.54
N ASP A 166 -6.27 8.68 -2.01
CA ASP A 166 -5.61 9.97 -2.24
C ASP A 166 -6.29 10.76 -3.36
N ALA A 167 -6.58 10.08 -4.46
CA ALA A 167 -7.25 10.70 -5.60
C ALA A 167 -8.67 11.14 -5.24
N PHE A 168 -9.33 10.38 -4.37
CA PHE A 168 -10.68 10.69 -3.94
C PHE A 168 -10.68 11.97 -3.10
N ALA A 169 -9.71 12.10 -2.21
CA ALA A 169 -9.64 13.26 -1.34
C ALA A 169 -9.31 14.53 -2.12
N ASP A 170 -8.49 14.40 -3.17
CA ASP A 170 -8.04 15.57 -3.93
C ASP A 170 -8.78 15.80 -5.26
N GLY A 171 -9.81 15.00 -5.52
CA GLY A 171 -10.63 15.21 -6.70
C GLY A 171 -9.89 14.95 -8.01
N ILE A 172 -9.17 13.85 -8.07
CA ILE A 172 -8.34 13.53 -9.23
C ILE A 172 -8.96 12.40 -10.04
N PRO A 173 -9.16 12.64 -11.36
CA PRO A 173 -9.80 11.62 -12.20
C PRO A 173 -8.86 10.46 -12.46
N MET A 174 -9.30 9.26 -12.11
CA MET A 174 -8.54 8.08 -12.45
CA MET A 174 -8.50 8.05 -12.30
C MET A 174 -9.41 6.85 -12.57
N VAL A 175 -9.02 5.98 -13.48
CA VAL A 175 -9.77 4.75 -13.70
C VAL A 175 -8.83 3.59 -13.37
N VAL A 176 -9.17 2.86 -12.31
CA VAL A 176 -8.33 1.74 -11.87
C VAL A 176 -8.93 0.43 -12.33
N PHE A 177 -8.20 -0.31 -13.17
CA PHE A 177 -8.64 -1.64 -13.56
C PHE A 177 -7.87 -2.69 -12.78
N THR A 178 -8.60 -3.56 -12.07
CA THR A 178 -7.96 -4.63 -11.29
C THR A 178 -8.38 -5.98 -11.82
N GLY A 179 -7.40 -6.86 -12.07
CA GLY A 179 -7.72 -8.24 -12.38
C GLY A 179 -8.46 -8.85 -11.19
N GLN A 180 -9.26 -9.87 -11.45
CA GLN A 180 -9.95 -10.56 -10.38
C GLN A 180 -9.95 -12.05 -10.72
N VAL A 181 -10.10 -12.90 -9.71
CA VAL A 181 -10.20 -14.35 -9.95
C VAL A 181 -11.45 -14.61 -10.78
N PRO A 182 -11.52 -15.78 -11.44
CA PRO A 182 -12.70 -16.08 -12.26
C PRO A 182 -13.99 -15.99 -11.45
N THR A 183 -15.10 -15.61 -12.10
CA THR A 183 -16.37 -15.42 -11.42
C THR A 183 -16.81 -16.64 -10.61
N SER A 184 -16.41 -17.83 -11.06
CA SER A 184 -16.78 -19.06 -10.37
C SER A 184 -15.99 -19.27 -9.08
N ALA A 185 -14.87 -18.58 -8.93
CA ALA A 185 -14.03 -18.72 -7.74
C ALA A 185 -14.31 -17.59 -6.75
N ILE A 186 -15.09 -16.61 -7.17
CA ILE A 186 -15.34 -15.44 -6.35
C ILE A 186 -16.17 -15.80 -5.13
N GLY A 187 -15.70 -15.41 -3.95
CA GLY A 187 -16.38 -15.72 -2.70
C GLY A 187 -16.01 -17.08 -2.12
N THR A 188 -14.90 -17.65 -2.57
CA THR A 188 -14.44 -18.94 -2.06
C THR A 188 -13.10 -18.82 -1.32
N ASP A 189 -12.69 -17.58 -1.04
CA ASP A 189 -11.36 -17.31 -0.47
C ASP A 189 -10.29 -17.92 -1.37
N ALA A 190 -10.39 -17.60 -2.65
CA ALA A 190 -9.50 -18.17 -3.66
C ALA A 190 -8.12 -17.53 -3.62
N PHE A 191 -7.17 -18.16 -4.30
CA PHE A 191 -5.83 -17.63 -4.44
C PHE A 191 -5.86 -16.21 -5.01
N GLN A 192 -5.22 -15.28 -4.30
CA GLN A 192 -5.15 -13.87 -4.72
C GLN A 192 -6.50 -13.21 -4.94
N GLU A 193 -7.51 -13.63 -4.18
CA GLU A 193 -8.80 -12.95 -4.22
C GLU A 193 -8.92 -11.98 -3.06
N ALA A 194 -9.24 -10.73 -3.39
CA ALA A 194 -9.63 -9.76 -2.37
C ALA A 194 -11.01 -9.23 -2.75
N ASP A 195 -11.79 -8.81 -1.75
CA ASP A 195 -13.07 -8.18 -2.03
C ASP A 195 -12.78 -6.71 -2.35
N VAL A 196 -12.32 -6.48 -3.58
CA VAL A 196 -11.80 -5.19 -3.98
C VAL A 196 -12.90 -4.13 -4.10
N VAL A 197 -14.05 -4.56 -4.59
CA VAL A 197 -15.21 -3.69 -4.67
C VAL A 197 -15.66 -3.23 -3.28
N GLY A 198 -15.61 -4.15 -2.32
CA GLY A 198 -15.91 -3.81 -0.93
C GLY A 198 -14.86 -2.89 -0.32
N ILE A 199 -13.59 -3.25 -0.49
CA ILE A 199 -12.49 -2.48 0.09
C ILE A 199 -12.49 -1.04 -0.41
N SER A 200 -12.71 -0.85 -1.71
CA SER A 200 -12.56 0.47 -2.33
C SER A 200 -13.86 1.28 -2.40
N ARG A 201 -14.95 0.76 -1.84
CA ARG A 201 -16.24 1.44 -1.94
C ARG A 201 -16.22 2.87 -1.38
N SER A 202 -15.59 3.05 -0.22
CA SER A 202 -15.61 4.34 0.45
C SER A 202 -14.53 5.29 -0.08
N CYS A 203 -13.67 4.81 -0.97
CA CYS A 203 -12.62 5.68 -1.50
C CYS A 203 -12.62 5.78 -3.02
N THR A 204 -13.76 5.49 -3.63
CA THR A 204 -13.96 5.73 -5.06
C THR A 204 -15.30 6.44 -5.25
N LYS A 205 -15.45 7.19 -6.34
CA LYS A 205 -16.76 7.79 -6.67
C LYS A 205 -17.77 6.70 -7.00
N TRP A 206 -17.26 5.59 -7.52
CA TRP A 206 -18.09 4.51 -8.05
C TRP A 206 -17.16 3.34 -8.32
N ASN A 207 -17.65 2.12 -8.16
CA ASN A 207 -16.88 0.97 -8.59
C ASN A 207 -17.83 -0.11 -9.09
N VAL A 208 -17.29 -1.15 -9.69
CA VAL A 208 -18.13 -2.18 -10.29
C VAL A 208 -17.28 -3.40 -10.58
N MET A 209 -17.90 -4.58 -10.52
CA MET A 209 -17.27 -5.78 -11.03
C MET A 209 -17.98 -6.17 -12.32
N VAL A 210 -17.22 -6.26 -13.41
CA VAL A 210 -17.77 -6.70 -14.68
C VAL A 210 -18.09 -8.19 -14.62
N LYS A 211 -19.34 -8.57 -14.84
CA LYS A 211 -19.72 -9.97 -14.64
C LYS A 211 -19.87 -10.74 -15.95
N SER A 212 -19.80 -10.03 -17.07
CA SER A 212 -19.82 -10.68 -18.38
C SER A 212 -19.12 -9.81 -19.40
N VAL A 213 -18.60 -10.45 -20.45
CA VAL A 213 -17.88 -9.73 -21.49
C VAL A 213 -18.82 -8.76 -22.21
N GLU A 214 -20.10 -9.14 -22.36
CA GLU A 214 -21.12 -8.28 -22.96
C GLU A 214 -21.23 -6.91 -22.28
N GLU A 215 -20.90 -6.90 -20.98
CA GLU A 215 -21.08 -5.76 -20.09
C GLU A 215 -19.85 -4.86 -20.09
N LEU A 216 -18.75 -5.37 -20.65
CA LEU A 216 -17.44 -4.71 -20.50
C LEU A 216 -17.34 -3.29 -21.13
N PRO A 217 -17.78 -3.12 -22.39
CA PRO A 217 -17.73 -1.76 -22.92
C PRO A 217 -18.59 -0.77 -22.11
N LEU A 218 -19.80 -1.19 -21.73
CA LEU A 218 -20.67 -0.33 -20.92
C LEU A 218 -19.98 0.15 -19.63
N ARG A 219 -19.41 -0.78 -18.88
CA ARG A 219 -18.76 -0.43 -17.62
C ARG A 219 -17.56 0.48 -17.81
N ILE A 220 -16.81 0.25 -18.88
CA ILE A 220 -15.65 1.10 -19.16
C ILE A 220 -16.10 2.52 -19.47
N ASN A 221 -17.13 2.64 -20.31
CA ASN A 221 -17.65 3.96 -20.66
C ASN A 221 -18.21 4.69 -19.46
N GLU A 222 -18.94 3.97 -18.60
CA GLU A 222 -19.46 4.54 -17.37
C GLU A 222 -18.33 4.99 -16.45
N ALA A 223 -17.28 4.18 -16.36
CA ALA A 223 -16.15 4.49 -15.48
C ALA A 223 -15.48 5.80 -15.89
N PHE A 224 -15.12 5.92 -17.15
CA PHE A 224 -14.50 7.16 -17.64
C PHE A 224 -15.41 8.39 -17.47
N GLU A 225 -16.69 8.24 -17.76
CA GLU A 225 -17.62 9.36 -17.60
C GLU A 225 -17.71 9.80 -16.14
N ILE A 226 -17.84 8.84 -15.23
CA ILE A 226 -17.98 9.18 -13.81
C ILE A 226 -16.70 9.81 -13.26
N ALA A 227 -15.55 9.26 -13.64
CA ALA A 227 -14.27 9.74 -13.15
C ALA A 227 -14.01 11.20 -13.51
N THR A 228 -14.51 11.61 -14.68
CA THR A 228 -14.16 12.92 -15.23
C THR A 228 -15.26 13.99 -15.15
N SER A 229 -16.41 13.67 -14.55
CA SER A 229 -17.49 14.64 -14.47
C SER A 229 -17.76 15.05 -13.00
N GLY A 230 -18.66 16.02 -12.80
CA GLY A 230 -18.91 16.55 -11.47
C GLY A 230 -17.59 16.95 -10.82
N ARG A 231 -17.40 16.57 -9.56
CA ARG A 231 -16.06 16.64 -8.98
C ARG A 231 -15.34 15.37 -9.42
N PRO A 232 -14.22 15.54 -10.14
CA PRO A 232 -13.50 14.37 -10.68
C PRO A 232 -13.01 13.50 -9.52
N GLY A 233 -12.77 12.22 -9.81
CA GLY A 233 -12.33 11.31 -8.77
C GLY A 233 -12.03 9.94 -9.36
N PRO A 234 -11.54 9.02 -8.51
CA PRO A 234 -11.17 7.66 -8.94
C PRO A 234 -12.39 6.75 -9.03
N VAL A 235 -12.37 5.84 -10.00
CA VAL A 235 -13.35 4.76 -10.08
C VAL A 235 -12.59 3.46 -10.25
N LEU A 236 -13.17 2.35 -9.79
CA LEU A 236 -12.48 1.07 -9.92
C LEU A 236 -13.34 0.10 -10.71
N VAL A 237 -12.72 -0.60 -11.65
CA VAL A 237 -13.43 -1.62 -12.42
C VAL A 237 -12.72 -2.96 -12.23
N ASP A 238 -13.43 -3.91 -11.65
CA ASP A 238 -12.88 -5.22 -11.32
C ASP A 238 -13.07 -6.16 -12.52
N LEU A 239 -12.00 -6.81 -12.95
CA LEU A 239 -12.06 -7.62 -14.17
C LEU A 239 -11.74 -9.10 -13.97
N PRO A 240 -12.79 -9.93 -13.76
CA PRO A 240 -12.57 -11.37 -13.54
C PRO A 240 -11.86 -12.01 -14.72
N LYS A 241 -10.92 -12.91 -14.43
CA LYS A 241 -10.08 -13.53 -15.45
C LYS A 241 -10.90 -14.23 -16.54
N ASP A 242 -11.99 -14.90 -16.15
CA ASP A 242 -12.82 -15.58 -17.16
C ASP A 242 -13.53 -14.59 -18.07
N VAL A 243 -13.80 -13.37 -17.59
CA VAL A 243 -14.42 -12.35 -18.43
C VAL A 243 -13.44 -11.80 -19.48
N THR A 244 -12.20 -11.55 -19.07
CA THR A 244 -11.22 -10.99 -19.99
C THR A 244 -10.69 -12.04 -20.97
N ALA A 245 -10.75 -13.30 -20.57
CA ALA A 245 -10.35 -14.38 -21.47
C ALA A 245 -11.51 -14.84 -22.36
N ALA A 246 -12.75 -14.50 -21.99
CA ALA A 246 -13.91 -14.98 -22.75
C ALA A 246 -14.05 -14.26 -24.09
N ILE A 247 -14.54 -14.99 -25.08
CA ILE A 247 -14.84 -14.41 -26.38
C ILE A 247 -16.27 -13.90 -26.41
N LEU A 248 -16.47 -12.66 -26.88
CA LEU A 248 -17.81 -12.11 -27.02
C LEU A 248 -18.59 -12.87 -28.09
N ARG A 249 -19.69 -13.51 -27.70
CA ARG A 249 -20.47 -14.30 -28.65
C ARG A 249 -21.91 -13.79 -28.85
N ASN A 250 -22.21 -12.64 -28.27
CA ASN A 250 -23.48 -11.97 -28.51
C ASN A 250 -23.27 -10.54 -28.96
N PRO A 251 -24.07 -10.09 -29.94
CA PRO A 251 -24.10 -8.66 -30.30
C PRO A 251 -24.52 -7.85 -29.07
N ILE A 252 -24.07 -6.62 -28.97
CA ILE A 252 -24.40 -5.77 -27.81
C ILE A 252 -24.90 -4.39 -28.27
N PRO A 253 -25.77 -3.77 -27.46
CA PRO A 253 -26.34 -2.45 -27.77
C PRO A 253 -25.27 -1.41 -28.12
N THR A 254 -25.49 -0.67 -29.21
CA THR A 254 -24.53 0.32 -29.69
C THR A 254 -24.34 1.47 -28.70
N LYS A 255 -25.38 1.72 -27.90
CA LYS A 255 -25.33 2.75 -26.87
C LYS A 255 -24.24 2.42 -25.87
N THR A 256 -24.11 1.14 -25.55
CA THR A 256 -23.14 0.69 -24.55
C THR A 256 -21.69 0.77 -25.01
N THR A 257 -21.45 0.81 -26.32
CA THR A 257 -20.08 0.80 -26.84
C THR A 257 -19.54 2.19 -27.22
N LEU A 258 -20.43 3.16 -27.36
CA LEU A 258 -20.01 4.53 -27.65
C LEU A 258 -19.83 5.36 -26.38
N PRO A 259 -18.69 6.05 -26.26
CA PRO A 259 -18.37 6.90 -25.11
C PRO A 259 -19.34 8.07 -24.98
N SER A 260 -19.42 8.66 -23.80
CA SER A 260 -20.33 9.78 -23.53
C SER A 260 -21.79 9.42 -23.81
N THR A 267 -29.81 18.86 -19.65
CA THR A 267 -30.02 19.95 -18.71
C THR A 267 -31.49 20.36 -18.61
N SER A 268 -31.99 20.51 -17.39
CA SER A 268 -33.35 20.98 -17.17
C SER A 268 -33.42 22.50 -17.34
N ARG A 269 -34.55 22.99 -17.88
CA ARG A 269 -34.71 24.41 -18.12
C ARG A 269 -34.93 25.19 -16.82
N ALA A 270 -35.75 24.63 -15.93
CA ALA A 270 -35.98 25.26 -14.63
C ALA A 270 -34.68 25.33 -13.84
N GLN A 271 -33.85 24.31 -13.99
CA GLN A 271 -32.55 24.27 -13.32
C GLN A 271 -31.62 25.36 -13.87
N ASP A 272 -31.56 25.49 -15.18
CA ASP A 272 -30.74 26.52 -15.82
C ASP A 272 -31.20 27.90 -15.39
N GLU A 273 -32.51 28.10 -15.36
CA GLU A 273 -33.08 29.37 -14.93
C GLU A 273 -32.78 29.60 -13.44
N PHE A 274 -32.83 28.53 -12.65
CA PHE A 274 -32.51 28.64 -11.24
C PHE A 274 -31.05 29.02 -11.03
N VAL A 275 -30.15 28.40 -11.79
CA VAL A 275 -28.73 28.74 -11.70
C VAL A 275 -28.54 30.21 -12.11
N MET A 276 -29.21 30.62 -13.17
CA MET A 276 -29.12 32.01 -13.62
C MET A 276 -29.65 32.98 -12.57
N GLN A 277 -30.72 32.59 -11.88
CA GLN A 277 -31.20 33.38 -10.74
C GLN A 277 -30.11 33.52 -9.68
N SER A 278 -29.51 32.40 -9.29
CA SER A 278 -28.46 32.40 -8.27
CA SER A 278 -28.48 32.43 -8.26
C SER A 278 -27.29 33.29 -8.69
N ILE A 279 -26.98 33.27 -9.98
CA ILE A 279 -25.91 34.10 -10.51
C ILE A 279 -26.26 35.59 -10.41
N ASN A 280 -27.50 35.94 -10.72
CA ASN A 280 -27.98 37.32 -10.58
C ASN A 280 -27.84 37.82 -9.15
N LYS A 281 -28.23 36.98 -8.20
CA LYS A 281 -28.10 37.30 -6.79
C LYS A 281 -26.64 37.45 -6.39
N ALA A 282 -25.80 36.54 -6.86
CA ALA A 282 -24.37 36.59 -6.54
C ALA A 282 -23.78 37.91 -7.03
N ALA A 283 -24.16 38.31 -8.25
CA ALA A 283 -23.69 39.56 -8.81
C ALA A 283 -24.17 40.75 -7.96
N ASP A 284 -25.43 40.69 -7.52
CA ASP A 284 -25.99 41.73 -6.66
C ASP A 284 -25.18 41.87 -5.36
N LEU A 285 -24.89 40.74 -4.71
CA LEU A 285 -24.09 40.76 -3.48
C LEU A 285 -22.69 41.33 -3.71
N ILE A 286 -22.02 40.86 -4.76
CA ILE A 286 -20.68 41.32 -5.11
C ILE A 286 -20.67 42.83 -5.41
N ASN A 287 -21.68 43.31 -6.11
CA ASN A 287 -21.77 44.73 -6.45
C ASN A 287 -21.97 45.61 -5.21
N LEU A 288 -22.34 44.97 -4.11
CA LEU A 288 -22.64 45.63 -2.85
C LEU A 288 -21.43 45.66 -1.91
N ALA A 289 -20.51 44.71 -2.09
CA ALA A 289 -19.42 44.50 -1.14
C ALA A 289 -18.40 45.64 -1.12
N LYS A 290 -17.90 45.97 0.07
CA LYS A 290 -16.87 46.99 0.23
C LYS A 290 -15.50 46.36 0.49
N LYS A 291 -15.49 45.16 1.06
CA LYS A 291 -14.23 44.47 1.36
C LYS A 291 -14.28 43.00 0.91
N PRO A 292 -14.42 42.77 -0.41
CA PRO A 292 -14.57 41.38 -0.85
C PRO A 292 -13.23 40.64 -0.90
N VAL A 293 -13.29 39.32 -0.80
CA VAL A 293 -12.12 38.48 -1.01
C VAL A 293 -12.55 37.28 -1.86
N LEU A 294 -11.75 36.97 -2.87
CA LEU A 294 -11.94 35.74 -3.62
C LEU A 294 -11.12 34.63 -2.95
N TYR A 295 -11.80 33.55 -2.59
CA TYR A 295 -11.18 32.40 -1.94
C TYR A 295 -11.26 31.25 -2.93
N VAL A 296 -10.11 30.91 -3.52
CA VAL A 296 -10.09 30.11 -4.73
C VAL A 296 -9.36 28.78 -4.53
N GLY A 297 -9.94 27.70 -5.04
CA GLY A 297 -9.33 26.40 -4.88
C GLY A 297 -9.20 25.59 -6.17
N ALA A 298 -8.97 24.29 -6.02
CA ALA A 298 -8.69 23.40 -7.16
C ALA A 298 -9.76 23.42 -8.25
N GLY A 299 -10.99 23.76 -7.88
CA GLY A 299 -12.10 23.71 -8.82
C GLY A 299 -11.93 24.62 -10.01
N ILE A 300 -11.23 25.74 -9.82
CA ILE A 300 -11.05 26.69 -10.93
C ILE A 300 -10.09 26.09 -11.97
N LEU A 301 -9.34 25.06 -11.58
CA LEU A 301 -8.36 24.48 -12.49
C LEU A 301 -8.96 23.34 -13.33
N ASN A 302 -10.23 23.01 -13.09
CA ASN A 302 -10.87 21.95 -13.85
C ASN A 302 -11.49 22.45 -15.15
N HIS A 303 -11.18 23.69 -15.51
CA HIS A 303 -11.59 24.23 -16.79
C HIS A 303 -10.44 25.06 -17.35
N ALA A 304 -10.16 24.89 -18.65
CA ALA A 304 -9.06 25.58 -19.31
C ALA A 304 -9.11 27.11 -19.11
N ASP A 305 -10.33 27.66 -19.08
CA ASP A 305 -10.51 29.11 -19.00
C ASP A 305 -10.69 29.65 -17.56
N GLY A 306 -10.58 28.77 -16.58
CA GLY A 306 -10.76 29.16 -15.19
C GLY A 306 -9.88 30.31 -14.74
N PRO A 307 -8.55 30.13 -14.81
CA PRO A 307 -7.62 31.18 -14.38
C PRO A 307 -7.87 32.49 -15.13
N ARG A 308 -8.17 32.42 -16.42
CA ARG A 308 -8.43 33.62 -17.19
C ARG A 308 -9.69 34.36 -16.69
N LEU A 309 -10.76 33.63 -16.41
CA LEU A 309 -11.99 34.27 -15.95
C LEU A 309 -11.87 34.79 -14.51
N LEU A 310 -11.13 34.05 -13.68
CA LEU A 310 -10.84 34.50 -12.32
C LEU A 310 -10.11 35.84 -12.36
N LYS A 311 -9.09 35.93 -13.21
CA LYS A 311 -8.32 37.15 -13.33
C LYS A 311 -9.18 38.30 -13.83
N GLU A 312 -10.07 38.01 -14.78
CA GLU A 312 -10.96 39.04 -15.30
C GLU A 312 -11.91 39.58 -14.22
N LEU A 313 -12.48 38.68 -13.42
CA LEU A 313 -13.34 39.12 -12.32
C LEU A 313 -12.55 39.94 -11.30
N SER A 314 -11.37 39.44 -10.93
CA SER A 314 -10.51 40.12 -9.96
C SER A 314 -10.16 41.54 -10.43
N ASP A 315 -9.83 41.68 -11.71
CA ASP A 315 -9.50 42.98 -12.28
C ASP A 315 -10.73 43.89 -12.36
N ARG A 316 -11.84 43.32 -12.84
CA ARG A 316 -13.03 44.11 -13.10
C ARG A 316 -13.63 44.69 -11.82
N ALA A 317 -13.66 43.88 -10.76
CA ALA A 317 -14.30 44.28 -9.51
C ALA A 317 -13.27 44.63 -8.43
N GLN A 318 -12.00 44.64 -8.78
CA GLN A 318 -10.92 44.96 -7.84
C GLN A 318 -11.01 44.11 -6.57
N ILE A 319 -10.98 42.80 -6.75
CA ILE A 319 -11.09 41.87 -5.63
C ILE A 319 -9.80 41.09 -5.45
N PRO A 320 -9.20 41.19 -4.25
CA PRO A 320 -7.96 40.46 -3.94
C PRO A 320 -8.23 38.95 -3.89
N VAL A 321 -7.21 38.16 -4.25
CA VAL A 321 -7.39 36.72 -4.43
C VAL A 321 -6.46 35.91 -3.54
N THR A 322 -7.05 35.03 -2.71
CA THR A 322 -6.26 34.06 -1.97
C THR A 322 -6.60 32.66 -2.50
N THR A 323 -5.62 31.76 -2.52
CA THR A 323 -5.88 30.38 -2.95
C THR A 323 -5.56 29.40 -1.85
N THR A 324 -6.17 28.22 -1.92
CA THR A 324 -5.78 27.13 -1.06
C THR A 324 -4.47 26.56 -1.57
N LEU A 325 -3.93 25.60 -0.83
CA LEU A 325 -2.80 24.81 -1.29
C LEU A 325 -3.05 24.25 -2.69
N GLN A 326 -4.27 23.78 -2.93
CA GLN A 326 -4.61 23.12 -4.20
C GLN A 326 -5.00 24.08 -5.32
N GLY A 327 -5.13 25.37 -5.00
CA GLY A 327 -5.40 26.36 -6.02
C GLY A 327 -4.16 27.11 -6.45
N LEU A 328 -3.02 26.77 -5.85
CA LEU A 328 -1.78 27.49 -6.17
C LEU A 328 -1.47 27.31 -7.65
N GLY A 329 -1.15 28.43 -8.31
CA GLY A 329 -0.94 28.40 -9.75
C GLY A 329 -2.12 28.94 -10.53
N SER A 330 -3.29 29.03 -9.91
CA SER A 330 -4.48 29.47 -10.61
C SER A 330 -4.51 30.98 -10.73
N PHE A 331 -3.69 31.65 -9.92
CA PHE A 331 -3.66 33.11 -9.91
C PHE A 331 -2.20 33.57 -9.90
N ASP A 332 -1.88 34.53 -10.78
CA ASP A 332 -0.51 35.04 -10.87
C ASP A 332 -0.13 35.76 -9.59
N GLN A 333 0.81 35.17 -8.83
CA GLN A 333 1.22 35.76 -7.56
C GLN A 333 2.04 37.04 -7.73
N GLU A 334 2.41 37.37 -8.96
CA GLU A 334 3.07 38.65 -9.22
C GLU A 334 2.07 39.80 -9.25
N ASP A 335 0.78 39.47 -9.33
CA ASP A 335 -0.25 40.49 -9.36
C ASP A 335 -0.39 41.14 -7.99
N PRO A 336 -0.51 42.48 -7.96
CA PRO A 336 -0.65 43.23 -6.71
C PRO A 336 -1.88 42.80 -5.92
N LYS A 337 -2.87 42.23 -6.60
CA LYS A 337 -4.08 41.78 -5.92
C LYS A 337 -3.94 40.36 -5.35
N SER A 338 -2.78 39.76 -5.53
CA SER A 338 -2.55 38.42 -4.97
C SER A 338 -2.34 38.49 -3.46
N LEU A 339 -3.07 37.64 -2.73
CA LEU A 339 -2.93 37.56 -1.28
C LEU A 339 -2.09 36.35 -0.85
N ASP A 340 -1.68 35.53 -1.82
CA ASP A 340 -0.93 34.30 -1.54
C ASP A 340 -1.85 33.25 -0.87
N MET A 341 -1.27 32.27 -0.19
CA MET A 341 -2.05 31.15 0.35
C MET A 341 -2.67 31.45 1.72
N LEU A 342 -3.89 30.96 1.96
CA LEU A 342 -4.52 31.13 3.27
C LEU A 342 -4.49 29.82 4.02
N GLY A 343 -4.79 29.86 5.32
CA GLY A 343 -5.02 28.63 6.09
C GLY A 343 -4.03 28.39 7.21
N MET A 344 -3.95 27.13 7.66
CA MET A 344 -3.11 26.75 8.79
C MET A 344 -1.69 27.31 8.68
N HIS A 345 -1.09 27.16 7.49
CA HIS A 345 0.25 27.68 7.26
C HIS A 345 0.25 28.75 6.16
N GLY A 346 -0.91 29.37 5.94
CA GLY A 346 -1.02 30.46 4.99
C GLY A 346 -0.38 31.74 5.52
N CYS A 347 -0.17 32.71 4.66
CA CYS A 347 0.43 33.97 5.13
C CYS A 347 -0.59 34.79 5.89
N ALA A 348 -0.11 35.63 6.80
CA ALA A 348 -0.99 36.41 7.67
C ALA A 348 -1.91 37.33 6.86
N THR A 349 -1.40 37.90 5.77
CA THR A 349 -2.21 38.83 4.98
C THR A 349 -3.47 38.17 4.42
N ALA A 350 -3.31 36.98 3.85
CA ALA A 350 -4.47 36.24 3.34
C ALA A 350 -5.42 35.93 4.48
N ASN A 351 -4.89 35.43 5.60
CA ASN A 351 -5.73 35.07 6.72
C ASN A 351 -6.47 36.29 7.30
N LEU A 352 -5.76 37.41 7.44
CA LEU A 352 -6.37 38.62 7.98
C LEU A 352 -7.44 39.18 7.04
N ALA A 353 -7.19 39.11 5.74
CA ALA A 353 -8.15 39.60 4.75
C ALA A 353 -9.46 38.82 4.86
N VAL A 354 -9.33 37.50 4.95
CA VAL A 354 -10.49 36.63 5.10
C VAL A 354 -11.25 36.93 6.39
N GLN A 355 -10.53 37.22 7.47
CA GLN A 355 -11.18 37.49 8.75
C GLN A 355 -11.88 38.85 8.79
N ASN A 356 -11.49 39.74 7.89
CA ASN A 356 -12.02 41.10 7.87
C ASN A 356 -12.93 41.41 6.68
N ALA A 357 -13.05 40.45 5.76
CA ALA A 357 -13.86 40.65 4.55
C ALA A 357 -15.36 40.71 4.86
N ASP A 358 -16.10 41.56 4.15
CA ASP A 358 -17.54 41.57 4.32
C ASP A 358 -18.18 40.54 3.41
N LEU A 359 -17.42 40.09 2.41
CA LEU A 359 -17.93 39.12 1.45
C LEU A 359 -16.84 38.14 1.02
N ILE A 360 -17.09 36.86 1.23
CA ILE A 360 -16.19 35.83 0.75
C ILE A 360 -16.79 35.13 -0.47
N ILE A 361 -16.08 35.19 -1.59
CA ILE A 361 -16.52 34.53 -2.80
C ILE A 361 -15.68 33.27 -2.97
N ALA A 362 -16.25 32.13 -2.59
CA ALA A 362 -15.54 30.87 -2.63
C ALA A 362 -15.71 30.21 -4.00
N VAL A 363 -14.60 29.96 -4.67
CA VAL A 363 -14.66 29.45 -6.04
C VAL A 363 -13.87 28.15 -6.15
N GLY A 364 -14.58 27.03 -6.27
CA GLY A 364 -13.93 25.72 -6.38
C GLY A 364 -13.06 25.36 -5.18
N ALA A 365 -13.55 25.65 -3.98
CA ALA A 365 -12.83 25.33 -2.75
C ALA A 365 -13.84 24.75 -1.75
N ARG A 366 -13.42 23.85 -0.87
CA ARG A 366 -14.40 23.15 -0.02
C ARG A 366 -14.37 23.48 1.47
N PHE A 367 -13.73 24.58 1.85
CA PHE A 367 -13.71 25.02 3.25
C PHE A 367 -13.16 23.93 4.18
N ASP A 368 -12.09 23.28 3.76
CA ASP A 368 -11.42 22.27 4.58
C ASP A 368 -10.89 22.84 5.91
N ASP A 369 -10.77 21.98 6.92
CA ASP A 369 -10.35 22.36 8.27
C ASP A 369 -8.91 22.89 8.32
N ARG A 370 -8.08 22.51 7.36
CA ARG A 370 -6.74 23.08 7.28
C ARG A 370 -6.76 24.52 6.76
N VAL A 371 -7.93 24.97 6.28
CA VAL A 371 -8.05 26.33 5.72
C VAL A 371 -8.77 27.30 6.67
N THR A 372 -9.83 26.82 7.32
CA THR A 372 -10.72 27.70 8.07
C THR A 372 -10.25 28.03 9.48
N GLY A 373 -9.34 27.23 10.02
CA GLY A 373 -9.04 27.30 11.43
C GLY A 373 -10.31 26.98 12.20
N ASN A 374 -10.36 27.34 13.47
CA ASN A 374 -11.56 27.20 14.30
C ASN A 374 -12.78 27.80 13.61
N ILE A 375 -13.74 26.94 13.25
CA ILE A 375 -14.89 27.35 12.43
C ILE A 375 -15.77 28.43 13.09
N SER A 376 -15.86 28.42 14.42
CA SER A 376 -16.68 29.41 15.11
C SER A 376 -16.05 30.81 15.02
N LYS A 377 -14.74 30.85 14.77
CA LYS A 377 -14.02 32.12 14.67
C LYS A 377 -13.81 32.53 13.22
N PHE A 378 -14.23 31.68 12.29
CA PHE A 378 -13.97 31.89 10.87
C PHE A 378 -14.83 33.00 10.26
N ALA A 379 -14.18 33.93 9.57
CA ALA A 379 -14.85 34.98 8.81
C ALA A 379 -15.92 35.76 9.58
N PRO A 380 -15.54 36.39 10.72
CA PRO A 380 -16.54 37.08 11.55
C PRO A 380 -17.17 38.29 10.85
N GLU A 381 -16.40 38.99 10.01
CA GLU A 381 -16.93 40.15 9.31
C GLU A 381 -17.92 39.75 8.22
N ALA A 382 -17.69 38.61 7.57
CA ALA A 382 -18.63 38.12 6.57
C ALA A 382 -19.93 37.64 7.25
N ARG A 383 -19.79 37.05 8.43
CA ARG A 383 -20.94 36.63 9.22
C ARG A 383 -21.76 37.82 9.69
N ARG A 384 -21.08 38.87 10.14
CA ARG A 384 -21.76 40.11 10.52
C ARG A 384 -22.51 40.70 9.32
N ALA A 385 -21.84 40.77 8.17
CA ALA A 385 -22.43 41.31 6.96
C ALA A 385 -23.68 40.55 6.53
N ALA A 386 -23.63 39.22 6.62
CA ALA A 386 -24.78 38.38 6.27
C ALA A 386 -25.98 38.69 7.17
N ALA A 387 -25.72 38.84 8.46
CA ALA A 387 -26.77 39.15 9.43
C ALA A 387 -27.45 40.49 9.11
N GLU A 388 -26.73 41.37 8.43
CA GLU A 388 -27.25 42.68 8.08
C GLU A 388 -27.63 42.78 6.59
N GLY A 389 -27.64 41.62 5.91
CA GLY A 389 -28.08 41.56 4.53
C GLY A 389 -27.17 42.26 3.53
N ARG A 390 -25.89 42.44 3.87
CA ARG A 390 -24.99 43.18 3.00
C ARG A 390 -23.71 42.42 2.66
N GLY A 391 -23.75 41.10 2.82
CA GLY A 391 -22.61 40.26 2.48
C GLY A 391 -22.74 38.82 2.97
N GLY A 392 -21.60 38.20 3.28
CA GLY A 392 -21.60 36.82 3.73
C GLY A 392 -20.72 35.96 2.85
N ILE A 393 -21.25 34.83 2.42
CA ILE A 393 -20.48 33.86 1.64
C ILE A 393 -21.21 33.41 0.38
N ILE A 394 -20.53 33.53 -0.76
CA ILE A 394 -21.02 32.97 -2.02
C ILE A 394 -20.16 31.77 -2.38
N HIS A 395 -20.79 30.67 -2.80
CA HIS A 395 -20.06 29.43 -3.05
C HIS A 395 -20.32 28.90 -4.46
N PHE A 396 -19.31 28.97 -5.33
CA PHE A 396 -19.37 28.38 -6.66
C PHE A 396 -18.86 26.94 -6.55
N GLU A 397 -19.77 25.98 -6.58
CA GLU A 397 -19.45 24.60 -6.22
C GLU A 397 -20.16 23.62 -7.14
N VAL A 398 -19.45 22.59 -7.59
CA VAL A 398 -20.00 21.65 -8.57
C VAL A 398 -20.73 20.48 -7.91
N SER A 399 -20.38 20.19 -6.66
CA SER A 399 -20.98 19.04 -5.97
C SER A 399 -21.89 19.44 -4.82
N PRO A 400 -23.15 18.98 -4.86
CA PRO A 400 -24.13 19.24 -3.80
C PRO A 400 -23.65 18.74 -2.43
N LYS A 401 -22.81 17.70 -2.42
CA LYS A 401 -22.26 17.17 -1.16
C LYS A 401 -21.48 18.22 -0.41
N ASN A 402 -20.86 19.16 -1.13
CA ASN A 402 -19.98 20.14 -0.51
C ASN A 402 -20.61 21.51 -0.28
N ILE A 403 -21.87 21.66 -0.66
CA ILE A 403 -22.57 22.92 -0.42
C ILE A 403 -23.23 22.88 0.96
N ASN A 404 -22.96 23.92 1.77
CA ASN A 404 -23.48 24.01 3.14
C ASN A 404 -22.99 22.88 4.05
N LYS A 405 -21.88 22.24 3.67
CA LYS A 405 -21.32 21.17 4.49
C LYS A 405 -20.61 21.72 5.71
N VAL A 406 -20.02 22.91 5.57
CA VAL A 406 -19.16 23.45 6.62
C VAL A 406 -19.65 24.80 7.13
N VAL A 407 -19.93 25.71 6.20
CA VAL A 407 -20.38 27.04 6.57
C VAL A 407 -21.75 27.29 5.97
N GLN A 408 -22.60 28.03 6.70
CA GLN A 408 -23.86 28.48 6.15
C GLN A 408 -23.56 29.43 4.99
N THR A 409 -24.16 29.15 3.84
CA THR A 409 -23.86 29.87 2.61
C THR A 409 -25.05 30.74 2.21
N GLN A 410 -24.81 32.01 1.91
CA GLN A 410 -25.90 32.91 1.54
C GLN A 410 -26.39 32.60 0.12
N ILE A 411 -25.45 32.37 -0.78
CA ILE A 411 -25.77 32.05 -2.16
C ILE A 411 -24.88 30.92 -2.65
N ALA A 412 -25.49 29.83 -3.07
CA ALA A 412 -24.74 28.75 -3.70
C ALA A 412 -24.97 28.79 -5.20
N VAL A 413 -23.89 28.94 -5.96
CA VAL A 413 -24.00 28.89 -7.41
C VAL A 413 -23.55 27.51 -7.88
N GLU A 414 -24.50 26.68 -8.28
CA GLU A 414 -24.23 25.27 -8.55
C GLU A 414 -23.71 25.01 -9.95
N GLY A 415 -22.74 24.09 -10.05
CA GLY A 415 -22.23 23.70 -11.35
C GLY A 415 -20.76 24.08 -11.49
N ASP A 416 -20.28 24.01 -12.73
CA ASP A 416 -18.90 24.36 -13.04
C ASP A 416 -18.63 25.83 -12.75
N ALA A 417 -17.63 26.11 -11.92
CA ALA A 417 -17.35 27.48 -11.49
C ALA A 417 -16.97 28.39 -12.67
N THR A 418 -16.09 27.90 -13.54
CA THR A 418 -15.64 28.69 -14.69
C THR A 418 -16.82 29.10 -15.58
N THR A 419 -17.65 28.14 -15.92
CA THR A 419 -18.83 28.40 -16.73
C THR A 419 -19.70 29.46 -16.05
N ASN A 420 -19.90 29.32 -14.76
CA ASN A 420 -20.75 30.26 -14.03
C ASN A 420 -20.15 31.66 -13.87
N LEU A 421 -18.83 31.75 -13.72
CA LEU A 421 -18.15 33.04 -13.70
C LEU A 421 -18.34 33.76 -15.04
N GLY A 422 -18.28 33.00 -16.13
CA GLY A 422 -18.46 33.59 -17.45
C GLY A 422 -19.84 34.19 -17.62
N LYS A 423 -20.86 33.49 -17.10
CA LYS A 423 -22.23 33.96 -17.16
C LYS A 423 -22.44 35.17 -16.28
N MET A 424 -21.73 35.22 -15.16
CA MET A 424 -21.89 36.31 -14.22
C MET A 424 -21.21 37.61 -14.66
N MET A 425 -20.13 37.48 -15.42
CA MET A 425 -19.22 38.60 -15.66
C MET A 425 -19.88 39.91 -16.04
N SER A 426 -20.78 39.86 -17.02
CA SER A 426 -21.40 41.08 -17.56
C SER A 426 -22.32 41.76 -16.55
N LYS A 427 -22.66 41.06 -15.48
CA LYS A 427 -23.56 41.59 -14.45
C LYS A 427 -22.78 42.29 -13.32
N ILE A 428 -21.45 42.17 -13.36
CA ILE A 428 -20.59 42.77 -12.34
C ILE A 428 -20.25 44.21 -12.72
N PHE A 429 -20.57 45.16 -11.84
CA PHE A 429 -20.21 46.56 -12.09
C PHE A 429 -18.70 46.73 -11.97
N PRO A 430 -18.07 47.33 -12.99
CA PRO A 430 -16.63 47.59 -12.94
C PRO A 430 -16.31 48.56 -11.80
N VAL A 431 -15.27 48.25 -11.04
CA VAL A 431 -14.94 49.04 -9.86
C VAL A 431 -13.69 49.85 -10.11
N LYS A 432 -13.78 51.14 -9.81
CA LYS A 432 -12.69 52.08 -10.03
C LYS A 432 -11.51 51.74 -9.11
N GLU A 433 -11.79 51.66 -7.82
CA GLU A 433 -10.73 51.43 -6.82
C GLU A 433 -11.31 50.98 -5.48
N ARG A 434 -10.48 50.32 -4.69
CA ARG A 434 -10.79 50.02 -3.30
C ARG A 434 -9.61 50.47 -2.45
N SER A 435 -9.42 51.79 -2.37
CA SER A 435 -8.24 52.38 -1.75
C SER A 435 -8.02 51.98 -0.29
N GLU A 436 -9.07 52.08 0.51
CA GLU A 436 -8.99 51.74 1.93
C GLU A 436 -8.70 50.26 2.15
N TRP A 437 -9.43 49.40 1.44
CA TRP A 437 -9.25 47.95 1.55
C TRP A 437 -7.84 47.54 1.12
N PHE A 438 -7.40 48.05 -0.03
CA PHE A 438 -6.06 47.71 -0.53
C PHE A 438 -4.96 48.30 0.36
N ALA A 439 -5.19 49.50 0.90
CA ALA A 439 -4.20 50.10 1.81
C ALA A 439 -4.02 49.22 3.05
N GLN A 440 -5.12 48.76 3.62
CA GLN A 440 -5.05 47.86 4.77
C GLN A 440 -4.31 46.57 4.43
N ILE A 441 -4.63 45.99 3.29
CA ILE A 441 -3.99 44.77 2.83
C ILE A 441 -2.48 44.98 2.61
N ASN A 442 -2.11 46.11 2.05
CA ASN A 442 -0.70 46.39 1.80
C ASN A 442 0.10 46.61 3.08
N LYS A 443 -0.54 47.19 4.08
CA LYS A 443 0.08 47.31 5.40
C LYS A 443 0.35 45.92 6.00
N TRP A 444 -0.61 45.00 5.89
CA TRP A 444 -0.40 43.63 6.36
C TRP A 444 0.75 42.94 5.62
N LYS A 445 0.85 43.18 4.31
CA LYS A 445 1.94 42.61 3.52
C LYS A 445 3.30 43.09 4.02
N LYS A 446 3.40 44.36 4.39
CA LYS A 446 4.65 44.91 4.92
C LYS A 446 4.94 44.38 6.33
N GLU A 447 3.89 44.24 7.14
CA GLU A 447 4.05 43.77 8.53
C GLU A 447 4.34 42.28 8.61
N TYR A 448 3.77 41.47 7.71
CA TYR A 448 3.85 40.02 7.86
C TYR A 448 4.36 39.25 6.65
N PRO A 449 5.61 39.50 6.24
CA PRO A 449 6.15 38.63 5.18
C PRO A 449 6.40 37.22 5.73
N TYR A 450 6.69 36.28 4.85
CA TYR A 450 7.02 34.91 5.27
C TYR A 450 8.41 34.88 5.92
N ALA A 451 8.58 35.57 7.05
CA ALA A 451 9.88 35.64 7.72
C ALA A 451 10.36 34.31 8.31
N TYR A 452 11.68 34.15 8.37
CA TYR A 452 12.29 32.94 8.93
C TYR A 452 13.73 33.23 9.28
N MET A 453 14.36 32.30 10.00
CA MET A 453 15.75 32.50 10.39
C MET A 453 16.65 32.17 9.21
N GLU A 454 17.30 33.19 8.66
CA GLU A 454 18.13 33.03 7.48
C GLU A 454 19.53 32.55 7.81
N GLU A 455 20.26 32.12 6.79
CA GLU A 455 21.64 31.65 6.95
C GLU A 455 22.50 32.64 7.73
N THR A 456 23.38 32.09 8.57
CA THR A 456 24.38 32.88 9.28
C THR A 456 25.74 32.19 9.07
N PRO A 457 26.85 32.86 9.38
CA PRO A 457 28.15 32.21 9.13
C PRO A 457 28.31 30.88 9.85
N GLY A 458 28.73 29.85 9.13
CA GLY A 458 28.90 28.53 9.70
C GLY A 458 27.61 27.73 9.85
N SER A 459 26.47 28.38 9.67
CA SER A 459 25.19 27.70 9.89
C SER A 459 24.89 26.73 8.77
N LYS A 460 24.01 25.77 9.03
CA LYS A 460 23.52 24.91 7.97
C LYS A 460 22.66 25.73 7.02
N ILE A 461 22.48 25.22 5.81
CA ILE A 461 21.59 25.81 4.83
C ILE A 461 20.15 25.79 5.36
N LYS A 462 19.41 26.88 5.16
CA LYS A 462 18.01 26.94 5.59
C LYS A 462 17.08 26.45 4.49
N PRO A 463 16.13 25.56 4.83
CA PRO A 463 15.25 24.97 3.80
C PRO A 463 14.42 26.02 3.07
N GLN A 464 13.97 27.07 3.76
CA GLN A 464 13.21 28.14 3.09
C GLN A 464 14.05 28.82 2.02
N THR A 465 15.34 28.97 2.30
CA THR A 465 16.25 29.62 1.35
C THR A 465 16.40 28.78 0.08
N VAL A 466 16.47 27.46 0.24
CA VAL A 466 16.57 26.55 -0.90
C VAL A 466 15.40 26.75 -1.87
N ILE A 467 14.18 26.82 -1.32
CA ILE A 467 13.00 26.98 -2.14
C ILE A 467 13.07 28.28 -2.93
N LYS A 468 13.41 29.37 -2.24
CA LYS A 468 13.45 30.68 -2.87
C LYS A 468 14.44 30.69 -4.04
N LYS A 469 15.63 30.12 -3.81
CA LYS A 469 16.66 30.10 -4.84
C LYS A 469 16.28 29.20 -6.01
N LEU A 470 15.75 28.02 -5.71
CA LEU A 470 15.35 27.08 -6.77
C LEU A 470 14.24 27.69 -7.61
N SER A 471 13.30 28.34 -6.95
CA SER A 471 12.20 29.03 -7.63
C SER A 471 12.72 30.00 -8.69
N LYS A 472 13.76 30.75 -8.34
CA LYS A 472 14.31 31.69 -9.30
C LYS A 472 15.10 30.98 -10.41
N VAL A 473 15.89 30.00 -10.02
CA VAL A 473 16.70 29.25 -11.00
C VAL A 473 15.80 28.52 -12.00
N ALA A 474 14.77 27.85 -11.49
CA ALA A 474 13.84 27.13 -12.36
C ALA A 474 13.10 28.09 -13.28
N ASN A 475 12.52 29.15 -12.70
CA ASN A 475 11.79 30.13 -13.51
C ASN A 475 12.65 30.74 -14.61
N ASP A 476 13.92 31.00 -14.29
CA ASP A 476 14.82 31.65 -15.24
C ASP A 476 15.20 30.80 -16.45
N THR A 477 14.89 29.50 -16.41
CA THR A 477 15.20 28.65 -17.57
C THR A 477 14.30 29.00 -18.75
N GLY A 478 13.15 29.62 -18.48
CA GLY A 478 12.18 29.89 -19.51
C GLY A 478 11.31 28.68 -19.84
N ARG A 479 11.63 27.53 -19.25
CA ARG A 479 10.89 26.30 -19.51
C ARG A 479 9.58 26.26 -18.75
N HIS A 480 8.64 25.44 -19.20
CA HIS A 480 7.44 25.17 -18.42
C HIS A 480 7.86 24.30 -17.23
N VAL A 481 7.49 24.73 -16.02
CA VAL A 481 7.95 24.09 -14.80
C VAL A 481 6.80 23.48 -14.03
N ILE A 482 6.98 22.23 -13.61
CA ILE A 482 5.99 21.55 -12.77
C ILE A 482 6.66 21.07 -11.50
N VAL A 483 6.03 21.34 -10.37
CA VAL A 483 6.57 20.97 -9.06
C VAL A 483 5.67 19.95 -8.39
N THR A 484 6.25 18.84 -7.95
CA THR A 484 5.52 17.91 -7.09
C THR A 484 6.23 17.92 -5.73
N THR A 485 5.58 17.40 -4.69
CA THR A 485 6.21 17.35 -3.37
C THR A 485 5.83 16.10 -2.60
N GLY A 486 6.56 15.83 -1.53
CA GLY A 486 6.11 14.87 -0.55
C GLY A 486 5.18 15.58 0.41
N VAL A 487 5.11 15.09 1.64
CA VAL A 487 4.21 15.67 2.63
C VAL A 487 5.00 16.05 3.88
N GLY A 488 4.81 17.27 4.36
CA GLY A 488 5.50 17.73 5.55
C GLY A 488 5.95 19.17 5.44
N GLN A 489 7.00 19.52 6.17
CA GLN A 489 7.46 20.90 6.20
C GLN A 489 7.94 21.38 4.84
N HIS A 490 8.68 20.54 4.14
CA HIS A 490 9.21 20.90 2.81
C HIS A 490 8.07 21.24 1.86
N GLN A 491 6.94 20.55 2.03
CA GLN A 491 5.77 20.78 1.20
C GLN A 491 5.17 22.16 1.45
N MET A 492 5.07 22.54 2.72
CA MET A 492 4.58 23.87 3.10
C MET A 492 5.53 24.97 2.66
N TRP A 493 6.83 24.74 2.80
CA TRP A 493 7.82 25.72 2.39
C TRP A 493 7.82 25.90 0.87
N ALA A 494 7.63 24.81 0.15
CA ALA A 494 7.48 24.89 -1.31
C ALA A 494 6.27 25.75 -1.66
N ALA A 495 5.14 25.46 -1.02
CA ALA A 495 3.92 26.23 -1.24
C ALA A 495 4.12 27.72 -0.99
N GLN A 496 4.74 28.04 0.15
CA GLN A 496 4.93 29.44 0.57
C GLN A 496 5.95 30.22 -0.25
N HIS A 497 7.12 29.63 -0.44
CA HIS A 497 8.28 30.40 -0.93
C HIS A 497 8.51 30.33 -2.43
N TRP A 498 7.84 29.40 -3.11
CA TRP A 498 7.86 29.40 -4.56
C TRP A 498 6.94 30.54 -5.03
N THR A 499 7.24 31.13 -6.17
CA THR A 499 6.36 32.14 -6.74
C THR A 499 5.48 31.50 -7.80
N TRP A 500 4.19 31.31 -7.49
CA TRP A 500 3.30 30.58 -8.39
C TRP A 500 2.67 31.49 -9.42
N ARG A 501 2.80 31.11 -10.69
CA ARG A 501 2.30 31.94 -11.79
C ARG A 501 1.46 31.16 -12.81
N ASN A 502 1.65 29.85 -12.90
CA ASN A 502 0.99 29.08 -13.96
C ASN A 502 0.11 27.94 -13.45
N PRO A 503 -1.06 27.76 -14.06
CA PRO A 503 -2.00 26.71 -13.69
C PRO A 503 -1.47 25.32 -13.97
N HIS A 504 -1.76 24.37 -13.09
CA HIS A 504 -1.35 22.96 -13.25
C HIS A 504 0.16 22.80 -13.14
N THR A 505 0.79 23.59 -12.29
CA THR A 505 2.23 23.48 -12.09
C THR A 505 2.61 23.08 -10.66
N PHE A 506 1.61 22.98 -9.78
CA PHE A 506 1.85 22.49 -8.42
C PHE A 506 1.04 21.22 -8.17
N ILE A 507 1.74 20.12 -7.94
CA ILE A 507 1.08 18.83 -7.79
C ILE A 507 1.44 18.23 -6.44
N THR A 508 0.51 18.29 -5.50
CA THR A 508 0.81 17.95 -4.13
C THR A 508 -0.39 17.22 -3.52
N SER A 509 -0.10 16.36 -2.55
CA SER A 509 -1.13 15.57 -1.88
C SER A 509 -1.65 16.36 -0.68
N GLY A 510 -2.88 16.86 -0.80
CA GLY A 510 -3.42 17.76 0.21
C GLY A 510 -4.45 17.18 1.17
N GLY A 511 -5.44 16.47 0.64
CA GLY A 511 -6.56 16.03 1.46
C GLY A 511 -6.21 14.83 2.31
N LEU A 512 -5.61 13.82 1.69
CA LEU A 512 -5.13 12.66 2.41
C LEU A 512 -3.71 12.91 2.93
N GLY A 513 -2.94 13.72 2.22
CA GLY A 513 -1.56 14.01 2.61
C GLY A 513 -0.67 12.77 2.69
N THR A 514 -0.48 12.13 1.54
CA THR A 514 0.24 10.85 1.47
C THR A 514 1.74 11.04 1.26
N MET A 515 2.54 10.75 2.29
CA MET A 515 3.99 10.72 2.11
C MET A 515 4.37 9.72 1.03
N GLY A 516 5.37 10.05 0.22
CA GLY A 516 5.80 9.16 -0.85
C GLY A 516 5.21 9.52 -2.20
N TYR A 517 4.30 10.47 -2.19
CA TYR A 517 3.63 10.97 -3.40
C TYR A 517 4.59 11.59 -4.41
N GLY A 518 5.60 12.28 -3.90
CA GLY A 518 6.41 13.20 -4.70
C GLY A 518 7.09 12.62 -5.94
N LEU A 519 7.80 11.52 -5.75
CA LEU A 519 8.56 10.93 -6.84
C LEU A 519 7.67 10.29 -7.92
N PRO A 520 6.75 9.39 -7.52
CA PRO A 520 5.93 8.81 -8.60
C PRO A 520 5.01 9.85 -9.26
N ALA A 521 4.54 10.84 -8.52
CA ALA A 521 3.71 11.89 -9.14
C ALA A 521 4.51 12.66 -10.17
N ALA A 522 5.78 12.92 -9.86
CA ALA A 522 6.67 13.61 -10.80
C ALA A 522 6.90 12.77 -12.06
N ILE A 523 7.09 11.47 -11.89
CA ILE A 523 7.27 10.58 -13.03
C ILE A 523 6.04 10.63 -13.93
N GLY A 524 4.86 10.50 -13.32
CA GLY A 524 3.61 10.57 -14.07
C GLY A 524 3.45 11.92 -14.78
N ALA A 525 3.77 13.00 -14.09
CA ALA A 525 3.65 14.34 -14.66
C ALA A 525 4.60 14.51 -15.84
N GLN A 526 5.79 13.93 -15.72
CA GLN A 526 6.78 14.04 -16.79
C GLN A 526 6.30 13.25 -18.01
N VAL A 527 5.65 12.12 -17.78
CA VAL A 527 5.06 11.36 -18.88
C VAL A 527 3.98 12.18 -19.57
N ALA A 528 3.17 12.90 -18.79
CA ALA A 528 2.14 13.74 -19.39
C ALA A 528 2.72 14.91 -20.16
N LYS A 529 3.82 15.47 -19.65
CA LYS A 529 4.45 16.66 -20.24
C LYS A 529 5.94 16.42 -20.45
N PRO A 530 6.30 15.70 -21.52
CA PRO A 530 7.69 15.28 -21.76
C PRO A 530 8.65 16.47 -21.88
N GLU A 531 8.13 17.63 -22.29
CA GLU A 531 8.99 18.78 -22.51
C GLU A 531 9.20 19.64 -21.26
N SER A 532 8.42 19.38 -20.22
CA SER A 532 8.46 20.21 -19.02
C SER A 532 9.61 19.89 -18.10
N LEU A 533 10.06 20.92 -17.37
CA LEU A 533 11.01 20.73 -16.28
C LEU A 533 10.21 20.30 -15.05
N VAL A 534 10.36 19.05 -14.63
CA VAL A 534 9.57 18.51 -13.54
C VAL A 534 10.44 18.30 -12.31
N ILE A 535 10.10 19.02 -11.24
CA ILE A 535 10.87 18.98 -10.01
C ILE A 535 10.06 18.42 -8.85
N ASP A 536 10.56 17.34 -8.26
CA ASP A 536 9.99 16.81 -7.03
C ASP A 536 10.76 17.42 -5.86
N ILE A 537 10.11 18.32 -5.12
CA ILE A 537 10.70 18.88 -3.91
C ILE A 537 10.25 17.98 -2.78
N ASP A 538 11.16 17.14 -2.28
CA ASP A 538 10.76 16.06 -1.39
C ASP A 538 11.38 16.17 0.00
N GLY A 539 10.77 15.48 0.96
CA GLY A 539 11.34 15.36 2.29
C GLY A 539 12.09 14.04 2.38
N ASP A 540 13.03 13.93 3.32
CA ASP A 540 13.78 12.69 3.43
C ASP A 540 12.91 11.50 3.85
N ALA A 541 11.97 11.71 4.77
CA ALA A 541 11.15 10.58 5.21
C ALA A 541 10.12 10.20 4.14
N SER A 542 9.52 11.21 3.53
CA SER A 542 8.60 11.00 2.42
C SER A 542 9.28 10.22 1.31
N PHE A 543 10.48 10.67 0.94
CA PHE A 543 11.21 10.05 -0.16
C PHE A 543 11.51 8.57 0.10
N ASN A 544 11.82 8.22 1.35
CA ASN A 544 12.05 6.82 1.71
C ASN A 544 10.87 5.92 1.43
N MET A 545 9.67 6.49 1.49
CA MET A 545 8.46 5.69 1.31
C MET A 545 8.42 4.99 -0.06
N THR A 546 8.78 5.71 -1.11
CA THR A 546 8.61 5.20 -2.47
C THR A 546 9.87 5.30 -3.33
N LEU A 547 11.04 5.34 -2.69
CA LEU A 547 12.29 5.59 -3.43
C LEU A 547 12.64 4.49 -4.43
N THR A 548 11.98 3.34 -4.33
CA THR A 548 12.24 2.28 -5.29
C THR A 548 11.85 2.69 -6.71
N GLU A 549 11.01 3.71 -6.85
CA GLU A 549 10.58 4.16 -8.18
C GLU A 549 11.64 4.95 -8.96
N LEU A 550 12.78 5.21 -8.33
CA LEU A 550 13.91 5.85 -9.02
C LEU A 550 14.28 5.09 -10.29
N SER A 551 14.41 3.77 -10.18
CA SER A 551 14.76 2.94 -11.33
C SER A 551 13.62 2.95 -12.38
N SER A 552 12.38 3.12 -11.93
CA SER A 552 11.25 3.24 -12.84
C SER A 552 11.36 4.49 -13.71
N ALA A 553 11.87 5.57 -13.11
CA ALA A 553 12.07 6.83 -13.85
C ALA A 553 13.08 6.63 -14.96
N VAL A 554 14.15 5.88 -14.66
CA VAL A 554 15.17 5.61 -15.66
C VAL A 554 14.58 4.74 -16.77
N GLN A 555 13.90 3.66 -16.39
CA GLN A 555 13.26 2.78 -17.38
C GLN A 555 12.22 3.52 -18.24
N ALA A 556 11.48 4.45 -17.63
CA ALA A 556 10.47 5.22 -18.36
C ALA A 556 11.07 6.35 -19.20
N GLY A 557 12.33 6.67 -18.96
CA GLY A 557 12.98 7.76 -19.68
C GLY A 557 12.46 9.14 -19.29
N THR A 558 12.02 9.28 -18.04
CA THR A 558 11.54 10.57 -17.54
C THR A 558 12.65 11.27 -16.76
N PRO A 559 13.18 12.39 -17.30
CA PRO A 559 14.31 13.09 -16.66
C PRO A 559 13.87 13.97 -15.50
N VAL A 560 13.21 13.36 -14.51
CA VAL A 560 12.74 14.11 -13.34
C VAL A 560 13.92 14.65 -12.52
N LYS A 561 13.70 15.81 -11.89
CA LYS A 561 14.69 16.42 -11.00
C LYS A 561 14.22 16.23 -9.55
N ILE A 562 14.92 15.38 -8.80
CA ILE A 562 14.51 15.08 -7.43
C ILE A 562 15.32 15.89 -6.43
N LEU A 563 14.65 16.78 -5.69
CA LEU A 563 15.30 17.54 -4.64
C LEU A 563 14.92 16.99 -3.27
N ILE A 564 15.91 16.61 -2.47
CA ILE A 564 15.62 16.16 -1.11
C ILE A 564 16.06 17.21 -0.10
N LEU A 565 15.11 17.80 0.62
CA LEU A 565 15.45 18.69 1.72
C LEU A 565 15.64 17.81 2.93
N ASN A 566 16.90 17.44 3.16
CA ASN A 566 17.20 16.44 4.18
C ASN A 566 17.45 17.05 5.54
N ASN A 567 16.44 16.97 6.41
CA ASN A 567 16.62 17.41 7.79
C ASN A 567 16.71 16.22 8.74
N GLU A 568 16.90 15.03 8.19
CA GLU A 568 17.08 13.81 9.00
C GLU A 568 15.97 13.64 10.03
N GLU A 569 14.75 13.96 9.63
CA GLU A 569 13.63 13.87 10.56
C GLU A 569 12.31 13.90 9.80
N GLN A 570 11.28 13.42 10.46
CA GLN A 570 9.91 13.66 10.04
C GLN A 570 9.54 15.04 10.59
N GLY A 571 9.96 16.08 9.87
CA GLY A 571 9.93 17.45 10.38
C GLY A 571 8.58 17.96 10.86
N MET A 572 7.54 17.67 10.08
CA MET A 572 6.20 18.14 10.40
C MET A 572 5.73 17.54 11.73
N VAL A 573 6.05 16.27 11.93
CA VAL A 573 5.68 15.62 13.18
C VAL A 573 6.50 16.18 14.36
N THR A 574 7.81 16.37 14.17
CA THR A 574 8.62 16.95 15.24
C THR A 574 8.18 18.37 15.56
N GLN A 575 7.70 19.09 14.55
CA GLN A 575 7.15 20.43 14.79
C GLN A 575 6.01 20.35 15.81
N TRP A 576 5.08 19.42 15.59
CA TRP A 576 3.97 19.25 16.51
C TRP A 576 4.43 18.75 17.87
N GLN A 577 5.48 17.92 17.87
CA GLN A 577 6.01 17.42 19.13
C GLN A 577 6.70 18.54 19.91
N SER A 578 7.40 19.42 19.20
CA SER A 578 8.04 20.59 19.81
C SER A 578 7.00 21.50 20.44
N LEU A 579 5.95 21.78 19.67
CA LEU A 579 4.95 22.74 20.09
C LEU A 579 4.01 22.21 21.17
N PHE A 580 3.53 20.98 21.00
CA PHE A 580 2.44 20.50 21.83
C PHE A 580 2.80 19.36 22.78
N TYR A 581 3.97 18.75 22.60
CA TYR A 581 4.37 17.65 23.47
C TYR A 581 5.72 17.88 24.14
N GLU A 582 6.03 19.14 24.39
CA GLU A 582 7.24 19.53 25.13
C GLU A 582 8.49 18.85 24.63
N HIS A 583 8.68 18.88 23.31
CA HIS A 583 9.89 18.40 22.67
C HIS A 583 10.17 16.91 22.92
N ARG A 584 9.11 16.11 23.08
CA ARG A 584 9.26 14.67 23.15
C ARG A 584 9.16 14.07 21.76
N TYR A 585 10.31 13.70 21.18
CA TYR A 585 10.33 13.19 19.82
C TYR A 585 10.21 11.68 19.85
N SER A 586 8.98 11.21 19.73
CA SER A 586 8.68 9.79 19.79
C SER A 586 8.73 9.18 18.40
N HIS A 587 9.83 8.50 18.10
CA HIS A 587 9.97 7.71 16.88
C HIS A 587 9.85 8.50 15.58
N THR A 588 10.40 9.70 15.58
CA THR A 588 10.25 10.59 14.43
C THR A 588 11.57 10.83 13.71
N HIS A 589 12.57 10.01 14.02
CA HIS A 589 13.87 10.09 13.37
C HIS A 589 14.25 8.77 12.71
N GLN A 590 13.93 8.64 11.42
CA GLN A 590 14.27 7.44 10.66
C GLN A 590 15.73 7.52 10.18
N LEU A 591 16.40 6.37 10.11
CA LEU A 591 17.77 6.31 9.58
C LEU A 591 17.77 6.33 8.05
N ASN A 592 18.32 7.39 7.46
CA ASN A 592 18.37 7.54 6.01
C ASN A 592 19.51 6.78 5.33
N PRO A 593 19.27 6.28 4.12
CA PRO A 593 20.37 5.72 3.33
C PRO A 593 21.23 6.86 2.78
N ASP A 594 22.40 6.54 2.23
CA ASP A 594 23.18 7.50 1.47
C ASP A 594 22.45 7.77 0.15
N PHE A 595 21.83 8.94 0.05
CA PHE A 595 20.98 9.26 -1.09
C PHE A 595 21.74 9.36 -2.42
N ILE A 596 23.00 9.77 -2.35
CA ILE A 596 23.79 9.91 -3.56
C ILE A 596 24.18 8.54 -4.11
N LYS A 597 24.67 7.65 -3.24
CA LYS A 597 24.98 6.29 -3.67
C LYS A 597 23.74 5.56 -4.15
N LEU A 598 22.60 5.89 -3.54
CA LEU A 598 21.32 5.31 -3.92
C LEU A 598 20.96 5.71 -5.34
N ALA A 599 21.05 7.01 -5.63
CA ALA A 599 20.77 7.53 -6.97
C ALA A 599 21.64 6.83 -8.02
N GLU A 600 22.93 6.70 -7.71
CA GLU A 600 23.85 6.00 -8.60
C GLU A 600 23.46 4.53 -8.80
N ALA A 601 23.13 3.83 -7.71
CA ALA A 601 22.69 2.44 -7.80
C ALA A 601 21.47 2.30 -8.71
N MET A 602 20.62 3.32 -8.67
CA MET A 602 19.36 3.33 -9.41
C MET A 602 19.53 3.81 -10.85
N GLY A 603 20.74 4.24 -11.21
CA GLY A 603 21.00 4.68 -12.57
C GLY A 603 20.83 6.17 -12.84
N LEU A 604 20.74 6.96 -11.78
CA LEU A 604 20.66 8.41 -11.90
C LEU A 604 21.96 9.08 -11.54
N LYS A 605 22.08 10.34 -11.92
CA LYS A 605 23.15 11.20 -11.42
C LYS A 605 22.76 11.65 -10.01
N GLY A 606 23.72 11.66 -9.09
CA GLY A 606 23.45 12.09 -7.73
C GLY A 606 24.32 13.26 -7.30
N LEU A 607 23.70 14.30 -6.75
CA LEU A 607 24.45 15.48 -6.30
C LEU A 607 24.11 15.77 -4.84
N ARG A 608 25.09 16.27 -4.08
CA ARG A 608 24.84 16.63 -2.70
C ARG A 608 25.42 18.01 -2.40
N VAL A 609 24.70 18.81 -1.62
CA VAL A 609 25.21 20.11 -1.14
CA VAL A 609 25.26 20.07 -1.15
C VAL A 609 25.10 20.19 0.37
N LYS A 610 26.19 20.61 1.03
CA LYS A 610 26.23 20.80 2.48
C LYS A 610 26.54 22.26 2.81
N LYS A 611 27.36 22.89 1.98
CA LYS A 611 27.87 24.23 2.27
C LYS A 611 27.08 25.34 1.59
N GLN A 612 26.82 26.41 2.33
CA GLN A 612 26.07 27.56 1.81
C GLN A 612 26.65 28.05 0.50
N GLU A 613 27.98 28.07 0.43
CA GLU A 613 28.69 28.65 -0.70
C GLU A 613 28.51 27.88 -2.00
N GLU A 614 28.09 26.62 -1.90
CA GLU A 614 27.97 25.78 -3.09
C GLU A 614 26.52 25.64 -3.57
N LEU A 615 25.58 26.19 -2.81
CA LEU A 615 24.16 25.99 -3.10
C LEU A 615 23.76 26.49 -4.50
N ASP A 616 24.17 27.72 -4.84
CA ASP A 616 23.83 28.32 -6.12
C ASP A 616 24.33 27.46 -7.29
N ALA A 617 25.61 27.10 -7.27
CA ALA A 617 26.20 26.30 -8.33
C ALA A 617 25.52 24.94 -8.47
N LYS A 618 25.21 24.32 -7.34
CA LYS A 618 24.59 23.01 -7.35
C LYS A 618 23.16 23.04 -7.88
N LEU A 619 22.41 24.09 -7.52
CA LEU A 619 21.05 24.23 -8.02
C LEU A 619 21.05 24.40 -9.53
N LYS A 620 22.02 25.17 -10.04
CA LYS A 620 22.13 25.38 -11.48
C LYS A 620 22.52 24.09 -12.20
N GLU A 621 23.47 23.35 -11.63
CA GLU A 621 23.86 22.07 -12.21
C GLU A 621 22.68 21.11 -12.21
N PHE A 622 21.94 21.09 -11.09
CA PHE A 622 20.74 20.28 -10.90
C PHE A 622 19.75 20.51 -12.04
N VAL A 623 19.35 21.76 -12.21
CA VAL A 623 18.36 22.12 -13.22
C VAL A 623 18.87 21.90 -14.66
N SER A 624 20.17 22.11 -14.87
CA SER A 624 20.78 22.01 -16.20
C SER A 624 21.08 20.58 -16.63
N THR A 625 21.01 19.65 -15.70
CA THR A 625 21.36 18.26 -16.00
C THR A 625 20.37 17.64 -16.97
N LYS A 626 20.88 17.02 -18.03
CA LYS A 626 20.04 16.24 -18.92
C LYS A 626 19.93 14.86 -18.30
N GLY A 627 18.72 14.34 -18.24
CA GLY A 627 18.50 13.06 -17.59
C GLY A 627 18.04 13.25 -16.17
N PRO A 628 17.54 12.17 -15.55
CA PRO A 628 17.05 12.24 -14.18
C PRO A 628 18.23 12.50 -13.24
N VAL A 629 17.98 13.24 -12.18
CA VAL A 629 19.05 13.63 -11.28
C VAL A 629 18.46 13.80 -9.88
N LEU A 630 19.23 13.44 -8.87
CA LEU A 630 18.82 13.67 -7.49
C LEU A 630 19.79 14.66 -6.87
N LEU A 631 19.24 15.69 -6.23
CA LEU A 631 20.06 16.61 -5.46
C LEU A 631 19.64 16.54 -4.00
N GLU A 632 20.57 16.14 -3.13
CA GLU A 632 20.33 16.19 -1.70
C GLU A 632 20.90 17.49 -1.15
N VAL A 633 20.07 18.24 -0.42
CA VAL A 633 20.57 19.40 0.29
C VAL A 633 20.46 19.11 1.79
N GLU A 634 21.59 19.14 2.48
CA GLU A 634 21.56 19.03 3.94
C GLU A 634 21.05 20.35 4.50
N VAL A 635 19.92 20.31 5.20
CA VAL A 635 19.34 21.54 5.73
C VAL A 635 19.26 21.51 7.25
N ASP A 636 19.06 22.70 7.84
CA ASP A 636 18.92 22.83 9.28
C ASP A 636 17.73 22.04 9.82
N LYS A 637 17.78 21.69 11.09
CA LYS A 637 16.78 20.79 11.69
C LYS A 637 15.90 21.49 12.71
N LYS A 638 14.73 20.91 12.99
CA LYS A 638 13.81 21.44 14.00
C LYS A 638 13.44 22.90 13.72
N VAL A 639 13.30 23.22 12.44
CA VAL A 639 12.88 24.55 12.02
C VAL A 639 11.37 24.51 11.80
N PRO A 640 10.61 25.30 12.59
CA PRO A 640 9.15 25.27 12.41
C PRO A 640 8.66 26.00 11.16
N VAL A 641 7.61 25.46 10.56
CA VAL A 641 6.89 26.17 9.49
C VAL A 641 6.00 27.19 10.17
N LEU A 642 6.16 28.46 9.79
CA LEU A 642 5.37 29.55 10.34
C LEU A 642 4.94 30.46 9.19
N PRO A 643 3.83 31.20 9.34
CA PRO A 643 2.92 31.24 10.49
C PRO A 643 2.18 29.92 10.66
N MET A 644 1.55 29.75 11.82
CA MET A 644 0.78 28.55 12.07
C MET A 644 -0.48 28.88 12.85
N VAL A 645 -1.61 28.41 12.32
CA VAL A 645 -2.89 28.47 13.03
C VAL A 645 -3.29 27.05 13.39
N ALA A 646 -3.46 26.76 14.68
CA ALA A 646 -3.80 25.41 15.11
C ALA A 646 -4.67 25.40 16.36
N GLY A 647 -5.26 24.24 16.65
CA GLY A 647 -6.12 24.10 17.82
C GLY A 647 -7.37 24.98 17.74
N GLY A 648 -7.66 25.68 18.83
CA GLY A 648 -8.84 26.51 18.90
C GLY A 648 -8.63 27.91 18.34
N SER A 649 -7.46 28.14 17.74
CA SER A 649 -7.13 29.46 17.18
C SER A 649 -7.94 29.80 15.94
N GLY A 650 -8.36 31.05 15.83
CA GLY A 650 -8.96 31.55 14.61
C GLY A 650 -7.87 31.93 13.62
N LEU A 651 -8.25 32.21 12.38
CA LEU A 651 -7.28 32.49 11.32
C LEU A 651 -6.42 33.70 11.62
N ASP A 652 -6.95 34.61 12.42
CA ASP A 652 -6.22 35.82 12.79
C ASP A 652 -5.40 35.63 14.07
N GLU A 653 -5.39 34.41 14.60
CA GLU A 653 -4.65 34.14 15.84
C GLU A 653 -3.47 33.20 15.58
N PHE A 654 -2.66 33.56 14.59
CA PHE A 654 -1.54 32.72 14.17
C PHE A 654 -0.32 32.90 15.07
N ILE A 655 0.53 31.89 15.12
CA ILE A 655 1.86 32.04 15.69
C ILE A 655 2.75 32.66 14.61
N ASN A 656 3.49 33.70 14.94
CA ASN A 656 4.38 34.33 13.96
C ASN A 656 5.85 34.06 14.25
N PHE A 657 6.70 34.13 13.23
CA PHE A 657 8.13 33.96 13.41
C PHE A 657 8.72 35.06 14.28
N ASP A 658 9.59 34.66 15.20
CA ASP A 658 10.30 35.58 16.09
C ASP A 658 11.66 34.95 16.41
N PRO A 659 12.75 35.59 15.94
CA PRO A 659 14.07 34.97 16.05
C PRO A 659 14.52 34.74 17.50
N GLU A 660 14.16 35.63 18.40
CA GLU A 660 14.52 35.47 19.81
C GLU A 660 13.82 34.23 20.39
N VAL A 661 12.55 34.07 20.04
CA VAL A 661 11.78 32.91 20.50
C VAL A 661 12.37 31.61 19.92
N GLU A 662 12.74 31.62 18.64
CA GLU A 662 13.38 30.45 18.05
C GLU A 662 14.65 30.05 18.81
N ARG A 663 15.44 31.05 19.22
CA ARG A 663 16.67 30.76 19.95
C ARG A 663 16.37 30.15 21.32
N GLN A 664 15.39 30.72 22.02
CA GLN A 664 14.98 30.21 23.32
C GLN A 664 14.44 28.78 23.22
N GLN A 665 13.61 28.52 22.22
CA GLN A 665 13.04 27.20 22.02
C GLN A 665 14.12 26.18 21.71
N THR A 666 15.18 26.64 21.03
CA THR A 666 16.32 25.79 20.74
C THR A 666 17.05 25.34 22.01
N GLU A 667 17.30 26.28 22.92
CA GLU A 667 17.95 25.95 24.19
C GLU A 667 17.07 24.98 24.96
N LEU A 668 15.78 25.28 24.99
CA LEU A 668 14.82 24.46 25.72
C LEU A 668 14.81 23.03 25.16
N ARG A 669 14.81 22.92 23.83
CA ARG A 669 14.84 21.61 23.17
C ARG A 669 16.06 20.78 23.56
N HIS A 670 17.24 21.40 23.54
CA HIS A 670 18.47 20.68 23.89
C HIS A 670 18.42 20.12 25.31
N LYS A 671 17.87 20.90 26.24
CA LYS A 671 17.75 20.47 27.62
C LYS A 671 16.76 19.31 27.77
N ARG A 672 15.61 19.43 27.11
CA ARG A 672 14.55 18.46 27.29
C ARG A 672 14.87 17.10 26.66
N THR A 673 15.58 17.11 25.54
CA THR A 673 15.92 15.88 24.86
C THR A 673 17.20 15.26 25.41
N GLY A 674 17.74 15.82 26.48
CA GLY A 674 19.00 15.34 27.03
C GLY A 674 20.12 15.43 26.02
N GLY A 675 20.07 16.46 25.17
CA GLY A 675 21.12 16.70 24.20
C GLY A 675 21.06 15.81 22.97
N LYS A 676 19.99 15.02 22.85
CA LYS A 676 19.85 14.11 21.71
C LYS A 676 19.38 14.82 20.45
N HIS A 677 18.59 15.88 20.65
CA HIS A 677 18.08 16.67 19.53
C HIS A 677 18.02 18.14 19.91
N PRO B 73 -19.70 -2.04 42.21
CA PRO B 73 -18.85 -2.88 43.06
C PRO B 73 -17.48 -3.20 42.45
N ASP B 74 -17.37 -4.19 41.57
CA ASP B 74 -16.05 -4.50 41.03
C ASP B 74 -15.63 -3.55 39.90
N MET B 75 -15.37 -2.32 40.29
CA MET B 75 -14.88 -1.30 39.38
C MET B 75 -13.39 -1.12 39.59
N ASP B 76 -12.68 -0.74 38.54
CA ASP B 76 -11.25 -0.51 38.63
C ASP B 76 -10.96 0.98 38.44
N THR B 77 -10.12 1.53 39.32
CA THR B 77 -9.79 2.94 39.27
C THR B 77 -8.31 3.17 38.95
N SER B 78 -7.60 2.10 38.63
CA SER B 78 -6.15 2.20 38.41
C SER B 78 -5.78 3.01 37.16
N PHE B 79 -6.68 3.10 36.19
CA PHE B 79 -6.43 3.89 34.99
C PHE B 79 -6.96 5.32 35.09
N VAL B 80 -7.67 5.62 36.17
CA VAL B 80 -8.25 6.95 36.35
C VAL B 80 -7.14 8.00 36.45
N GLY B 81 -7.24 9.04 35.61
CA GLY B 81 -6.21 10.07 35.58
C GLY B 81 -5.22 9.86 34.44
N LEU B 82 -5.30 8.72 33.78
CA LEU B 82 -4.46 8.43 32.62
C LEU B 82 -5.13 8.87 31.32
N THR B 83 -4.33 9.30 30.35
CA THR B 83 -4.85 9.53 29.01
C THR B 83 -5.07 8.19 28.33
N GLY B 84 -5.89 8.19 27.28
CA GLY B 84 -6.09 6.99 26.47
C GLY B 84 -4.77 6.45 25.96
N GLY B 85 -3.89 7.36 25.55
CA GLY B 85 -2.55 6.98 25.14
C GLY B 85 -1.83 6.21 26.23
N GLN B 86 -1.89 6.72 27.45
CA GLN B 86 -1.16 6.10 28.55
C GLN B 86 -1.77 4.74 28.90
N ILE B 87 -3.09 4.65 28.76
CA ILE B 87 -3.81 3.39 28.95
C ILE B 87 -3.36 2.37 27.90
N PHE B 88 -3.21 2.82 26.66
CA PHE B 88 -2.68 1.98 25.59
C PHE B 88 -1.33 1.38 26.02
N ASN B 89 -0.45 2.23 26.53
CA ASN B 89 0.87 1.79 26.96
C ASN B 89 0.77 0.68 28.00
N GLU B 90 -0.07 0.90 29.01
CA GLU B 90 -0.27 -0.10 30.07
C GLU B 90 -0.87 -1.39 29.53
N MET B 91 -1.83 -1.26 28.60
CA MET B 91 -2.50 -2.43 28.04
C MET B 91 -1.56 -3.31 27.23
N MET B 92 -0.59 -2.70 26.55
CA MET B 92 0.42 -3.49 25.85
C MET B 92 1.17 -4.36 26.85
N SER B 93 1.47 -3.81 28.01
CA SER B 93 2.18 -4.57 29.04
C SER B 93 1.32 -5.74 29.54
N ARG B 94 0.02 -5.50 29.73
CA ARG B 94 -0.87 -6.54 30.22
C ARG B 94 -1.08 -7.64 29.19
N GLN B 95 -0.95 -7.29 27.92
CA GLN B 95 -1.09 -8.25 26.84
C GLN B 95 0.25 -8.92 26.52
N ASN B 96 1.26 -8.65 27.35
CA ASN B 96 2.61 -9.17 27.14
C ASN B 96 3.19 -8.91 25.76
N VAL B 97 2.93 -7.71 25.24
CA VAL B 97 3.53 -7.29 23.98
C VAL B 97 4.97 -6.89 24.26
N ASP B 98 5.92 -7.45 23.49
CA ASP B 98 7.31 -7.04 23.67
C ASP B 98 7.84 -6.22 22.49
N THR B 99 7.07 -6.18 21.40
CA THR B 99 7.46 -5.43 20.21
C THR B 99 6.28 -4.77 19.56
N VAL B 100 6.45 -3.50 19.17
CA VAL B 100 5.44 -2.79 18.39
C VAL B 100 6.09 -2.28 17.10
N PHE B 101 5.42 -2.52 15.96
CA PHE B 101 5.88 -2.02 14.68
C PHE B 101 4.99 -0.86 14.26
N GLY B 102 5.58 0.29 13.93
CA GLY B 102 4.74 1.42 13.56
C GLY B 102 5.40 2.63 12.95
N TYR B 103 4.58 3.61 12.59
CA TYR B 103 5.03 4.85 11.99
C TYR B 103 4.08 5.94 12.46
N PRO B 104 4.63 7.03 13.02
CA PRO B 104 3.80 8.08 13.62
C PRO B 104 3.15 9.03 12.60
N GLY B 105 2.26 9.87 13.12
CA GLY B 105 1.55 10.84 12.31
C GLY B 105 0.63 11.63 13.22
N GLY B 106 -0.06 12.62 12.67
CA GLY B 106 -0.84 13.56 13.47
C GLY B 106 -1.92 12.95 14.35
N ALA B 107 -2.79 12.15 13.76
CA ALA B 107 -3.93 11.61 14.51
C ALA B 107 -3.51 10.68 15.66
N ILE B 108 -2.32 10.10 15.55
CA ILE B 108 -1.89 9.09 16.52
C ILE B 108 -0.86 9.67 17.51
N LEU B 109 -0.62 10.99 17.40
CA LEU B 109 0.29 11.69 18.31
C LEU B 109 0.11 11.43 19.82
N PRO B 110 -1.15 11.42 20.32
CA PRO B 110 -1.26 11.23 21.78
C PRO B 110 -0.75 9.86 22.23
N VAL B 111 -0.87 8.86 21.37
CA VAL B 111 -0.37 7.53 21.72
C VAL B 111 1.16 7.51 21.64
N TYR B 112 1.72 8.10 20.59
CA TYR B 112 3.17 8.19 20.47
C TYR B 112 3.76 8.96 21.65
N ASP B 113 3.08 9.99 22.11
CA ASP B 113 3.58 10.71 23.28
C ASP B 113 3.61 9.80 24.51
N ALA B 114 2.59 8.98 24.66
CA ALA B 114 2.47 8.12 25.83
C ALA B 114 3.49 6.99 25.83
N ILE B 115 3.86 6.51 24.65
CA ILE B 115 4.83 5.41 24.57
C ILE B 115 6.26 5.91 24.40
N HIS B 116 6.43 7.24 24.45
CA HIS B 116 7.77 7.84 24.36
C HIS B 116 8.64 7.29 25.48
N ASN B 117 9.79 6.72 25.10
CA ASN B 117 10.70 6.08 26.06
C ASN B 117 10.08 4.98 26.92
N SER B 118 9.03 4.34 26.40
CA SER B 118 8.38 3.26 27.14
C SER B 118 9.34 2.10 27.39
N ASP B 119 9.31 1.56 28.61
CA ASP B 119 10.09 0.36 28.92
C ASP B 119 9.23 -0.90 28.79
N LYS B 120 8.00 -0.74 28.31
CA LYS B 120 7.09 -1.88 28.21
C LYS B 120 7.42 -2.80 27.04
N PHE B 121 7.93 -2.21 25.95
CA PHE B 121 8.20 -2.97 24.73
C PHE B 121 9.25 -2.26 23.87
N ASN B 122 9.81 -2.98 22.90
CA ASN B 122 10.67 -2.35 21.90
C ASN B 122 9.85 -1.89 20.71
N PHE B 123 10.32 -0.85 20.04
CA PHE B 123 9.62 -0.29 18.90
C PHE B 123 10.49 -0.44 17.65
N VAL B 124 9.86 -0.85 16.55
CA VAL B 124 10.55 -0.97 15.28
C VAL B 124 9.94 -0.01 14.25
N LEU B 125 10.78 0.85 13.68
CA LEU B 125 10.35 1.90 12.75
C LEU B 125 10.75 1.50 11.34
N PRO B 126 9.77 1.22 10.46
CA PRO B 126 10.08 0.92 9.06
C PRO B 126 10.14 2.22 8.26
N LYS B 127 10.30 2.14 6.95
CA LYS B 127 10.25 3.33 6.10
C LYS B 127 8.85 3.57 5.53
N HIS B 128 8.02 2.52 5.57
CA HIS B 128 6.69 2.53 4.95
C HIS B 128 5.78 1.64 5.80
N GLU B 129 4.53 2.05 6.03
CA GLU B 129 3.64 1.28 6.88
C GLU B 129 3.38 -0.15 6.39
N GLN B 130 3.45 -0.36 5.09
CA GLN B 130 3.33 -1.72 4.57
C GLN B 130 4.47 -2.56 5.14
N GLY B 131 5.63 -1.92 5.31
CA GLY B 131 6.77 -2.57 5.95
C GLY B 131 6.43 -2.96 7.37
N ALA B 132 5.77 -2.07 8.11
CA ALA B 132 5.38 -2.37 9.48
C ALA B 132 4.49 -3.61 9.53
N GLY B 133 3.52 -3.66 8.61
CA GLY B 133 2.58 -4.76 8.56
C GLY B 133 3.24 -6.10 8.28
N HIS B 134 4.08 -6.13 7.25
CA HIS B 134 4.76 -7.39 6.89
C HIS B 134 5.79 -7.81 7.96
N MET B 135 6.44 -6.83 8.58
CA MET B 135 7.34 -7.12 9.71
C MET B 135 6.57 -7.78 10.84
N ALA B 136 5.40 -7.23 11.15
CA ALA B 136 4.58 -7.79 12.22
C ALA B 136 4.14 -9.21 11.88
N GLU B 137 3.88 -9.47 10.60
CA GLU B 137 3.52 -10.82 10.18
C GLU B 137 4.69 -11.78 10.37
N GLY B 138 5.86 -11.35 9.92
CA GLY B 138 7.07 -12.14 10.10
C GLY B 138 7.30 -12.41 11.57
N TYR B 139 7.21 -11.37 12.39
CA TYR B 139 7.34 -11.48 13.83
C TYR B 139 6.36 -12.51 14.39
N ALA B 140 5.11 -12.43 13.95
CA ALA B 140 4.08 -13.36 14.44
C ALA B 140 4.36 -14.81 14.04
N ARG B 141 4.71 -15.03 12.76
CA ARG B 141 4.95 -16.39 12.27
C ARG B 141 6.12 -17.04 13.00
N ALA B 142 7.10 -16.25 13.42
CA ALA B 142 8.30 -16.78 14.05
C ALA B 142 8.14 -16.95 15.56
N SER B 143 7.31 -16.11 16.18
CA SER B 143 7.21 -16.09 17.64
C SER B 143 6.00 -16.84 18.20
N GLY B 144 4.92 -16.89 17.43
CA GLY B 144 3.68 -17.44 17.94
C GLY B 144 2.86 -16.40 18.69
N LYS B 145 3.38 -15.17 18.73
CA LYS B 145 2.70 -14.05 19.39
C LYS B 145 2.08 -13.15 18.33
N PRO B 146 0.97 -12.47 18.69
CA PRO B 146 0.37 -11.54 17.71
C PRO B 146 1.33 -10.41 17.35
N GLY B 147 1.34 -10.02 16.08
CA GLY B 147 2.12 -8.86 15.68
C GLY B 147 1.29 -7.60 15.89
N VAL B 148 1.89 -6.59 16.51
CA VAL B 148 1.18 -5.36 16.83
C VAL B 148 1.67 -4.19 15.97
N VAL B 149 0.73 -3.54 15.29
CA VAL B 149 1.02 -2.44 14.38
C VAL B 149 0.37 -1.15 14.90
N LEU B 150 1.10 -0.04 14.84
CA LEU B 150 0.60 1.25 15.32
C LEU B 150 0.89 2.34 14.29
N VAL B 151 -0.13 2.75 13.55
CA VAL B 151 0.07 3.74 12.48
C VAL B 151 -0.95 4.88 12.58
N THR B 152 -0.80 5.90 11.74
CA THR B 152 -1.67 7.07 11.85
C THR B 152 -2.92 6.94 10.99
N SER B 153 -3.77 7.96 11.00
CA SER B 153 -5.00 7.94 10.22
C SER B 153 -4.70 8.07 8.72
N GLY B 154 -5.75 8.01 7.89
CA GLY B 154 -5.62 8.28 6.48
C GLY B 154 -4.64 7.36 5.78
N PRO B 155 -3.59 7.93 5.18
CA PRO B 155 -2.65 7.15 4.36
C PRO B 155 -1.87 6.15 5.19
N GLY B 156 -1.68 6.46 6.48
CA GLY B 156 -1.04 5.51 7.38
C GLY B 156 -1.86 4.23 7.45
N ALA B 157 -3.17 4.39 7.53
CA ALA B 157 -4.06 3.24 7.65
C ALA B 157 -4.24 2.53 6.30
N THR B 158 -4.40 3.30 5.23
CA THR B 158 -4.60 2.67 3.92
C THR B 158 -3.33 1.91 3.48
N ASN B 159 -2.17 2.37 3.94
CA ASN B 159 -0.91 1.68 3.63
C ASN B 159 -0.76 0.32 4.32
N VAL B 160 -1.64 -0.04 5.25
CA VAL B 160 -1.56 -1.36 5.88
C VAL B 160 -2.64 -2.32 5.40
N VAL B 161 -3.40 -1.92 4.38
CA VAL B 161 -4.43 -2.79 3.83
C VAL B 161 -3.85 -4.09 3.24
N THR B 162 -2.78 -3.97 2.46
CA THR B 162 -2.14 -5.14 1.89
C THR B 162 -1.66 -6.16 2.96
N PRO B 163 -0.88 -5.71 3.96
CA PRO B 163 -0.51 -6.67 5.03
C PRO B 163 -1.71 -7.27 5.77
N MET B 164 -2.80 -6.51 5.94
CA MET B 164 -3.97 -7.06 6.60
C MET B 164 -4.61 -8.14 5.76
N ALA B 165 -4.83 -7.85 4.48
CA ALA B 165 -5.37 -8.86 3.56
C ALA B 165 -4.45 -10.07 3.51
N ASP B 166 -3.13 -9.82 3.57
CA ASP B 166 -2.16 -10.89 3.55
C ASP B 166 -2.29 -11.77 4.80
N ALA B 167 -2.34 -11.13 5.96
CA ALA B 167 -2.49 -11.86 7.22
C ALA B 167 -3.85 -12.56 7.32
N PHE B 168 -4.88 -11.97 6.72
CA PHE B 168 -6.20 -12.59 6.69
C PHE B 168 -6.18 -13.88 5.87
N ALA B 169 -5.56 -13.82 4.70
CA ALA B 169 -5.51 -14.98 3.81
C ALA B 169 -4.70 -16.13 4.42
N ASP B 170 -3.65 -15.81 5.16
CA ASP B 170 -2.75 -16.83 5.72
C ASP B 170 -2.97 -17.12 7.20
N GLY B 171 -4.00 -16.54 7.80
CA GLY B 171 -4.33 -16.84 9.19
C GLY B 171 -3.27 -16.41 10.20
N ILE B 172 -2.82 -15.17 10.09
CA ILE B 172 -1.75 -14.68 10.95
C ILE B 172 -2.30 -13.70 11.97
N PRO B 173 -2.04 -13.95 13.27
CA PRO B 173 -2.56 -13.07 14.32
C PRO B 173 -1.88 -11.70 14.28
N MET B 174 -2.69 -10.66 14.12
CA MET B 174 -2.15 -9.32 14.03
C MET B 174 -3.17 -8.35 14.63
N VAL B 175 -2.69 -7.42 15.44
CA VAL B 175 -3.57 -6.37 15.95
C VAL B 175 -3.09 -5.04 15.42
N VAL B 176 -3.91 -4.44 14.55
CA VAL B 176 -3.56 -3.18 13.93
C VAL B 176 -4.27 -2.01 14.60
N PHE B 177 -3.49 -1.11 15.18
CA PHE B 177 -4.02 0.11 15.78
C PHE B 177 -3.80 1.27 14.80
N THR B 178 -4.89 1.91 14.39
CA THR B 178 -4.80 3.05 13.48
C THR B 178 -5.34 4.31 14.17
N GLY B 179 -4.54 5.36 14.18
CA GLY B 179 -5.04 6.65 14.63
C GLY B 179 -6.21 7.06 13.75
N GLN B 180 -7.09 7.89 14.28
CA GLN B 180 -8.22 8.38 13.51
C GLN B 180 -8.43 9.83 13.89
N VAL B 181 -9.02 10.62 13.00
CA VAL B 181 -9.37 12.01 13.32
C VAL B 181 -10.31 12.03 14.52
N PRO B 182 -10.40 13.17 15.23
CA PRO B 182 -11.30 13.26 16.39
C PRO B 182 -12.73 12.87 16.04
N THR B 183 -13.45 12.29 17.00
CA THR B 183 -14.82 11.81 16.76
C THR B 183 -15.71 12.90 16.19
N SER B 184 -15.45 14.14 16.59
CA SER B 184 -16.22 15.27 16.08
C SER B 184 -16.04 15.45 14.57
N ALA B 185 -14.83 15.17 14.08
CA ALA B 185 -14.51 15.36 12.67
C ALA B 185 -14.87 14.18 11.77
N ILE B 186 -15.15 13.03 12.39
CA ILE B 186 -15.49 11.82 11.63
C ILE B 186 -16.77 12.03 10.82
N GLY B 187 -16.73 11.63 9.55
CA GLY B 187 -17.87 11.80 8.66
C GLY B 187 -17.98 13.19 8.04
N THR B 188 -16.93 13.98 8.12
CA THR B 188 -16.95 15.31 7.53
C THR B 188 -15.95 15.46 6.38
N ASP B 189 -15.43 14.34 5.89
CA ASP B 189 -14.35 14.33 4.90
C ASP B 189 -13.20 15.18 5.41
N ALA B 190 -12.78 14.90 6.63
CA ALA B 190 -11.74 15.66 7.29
C ALA B 190 -10.34 15.32 6.75
N PHE B 191 -9.38 16.20 7.08
CA PHE B 191 -7.99 16.01 6.76
C PHE B 191 -7.48 14.66 7.28
N GLN B 192 -6.87 13.88 6.36
CA GLN B 192 -6.37 12.55 6.68
C GLN B 192 -7.40 11.61 7.31
N GLU B 193 -8.68 11.80 6.97
CA GLU B 193 -9.72 10.86 7.38
C GLU B 193 -9.99 9.84 6.28
N ALA B 194 -9.88 8.56 6.63
CA ALA B 194 -10.36 7.48 5.78
C ALA B 194 -11.40 6.67 6.56
N ASP B 195 -12.30 6.02 5.84
CA ASP B 195 -13.27 5.11 6.47
C ASP B 195 -12.59 3.76 6.68
N VAL B 196 -11.69 3.73 7.65
CA VAL B 196 -10.81 2.57 7.88
C VAL B 196 -11.56 1.31 8.31
N VAL B 197 -12.59 1.48 9.14
CA VAL B 197 -13.43 0.36 9.54
C VAL B 197 -14.17 -0.22 8.32
N GLY B 198 -14.60 0.66 7.42
CA GLY B 198 -15.26 0.22 6.20
C GLY B 198 -14.28 -0.48 5.26
N ILE B 199 -13.15 0.17 5.01
CA ILE B 199 -12.13 -0.37 4.12
C ILE B 199 -11.61 -1.74 4.57
N SER B 200 -11.34 -1.88 5.87
CA SER B 200 -10.69 -3.09 6.36
C SER B 200 -11.67 -4.20 6.76
N ARG B 201 -12.97 -3.95 6.56
CA ARG B 201 -13.97 -4.93 6.99
C ARG B 201 -13.79 -6.32 6.37
N SER B 202 -13.52 -6.39 5.07
CA SER B 202 -13.42 -7.69 4.41
C SER B 202 -12.06 -8.37 4.63
N CYS B 203 -11.09 -7.64 5.18
CA CYS B 203 -9.76 -8.22 5.38
C CYS B 203 -9.31 -8.25 6.84
N THR B 204 -10.28 -8.32 7.74
CA THR B 204 -9.99 -8.51 9.17
C THR B 204 -11.03 -9.47 9.73
N LYS B 205 -10.68 -10.20 10.79
CA LYS B 205 -11.67 -11.05 11.46
C LYS B 205 -12.73 -10.18 12.11
N TRP B 206 -12.32 -8.99 12.52
CA TRP B 206 -13.14 -8.11 13.34
C TRP B 206 -12.45 -6.76 13.38
N ASN B 207 -13.23 -5.70 13.38
CA ASN B 207 -12.65 -4.39 13.64
C ASN B 207 -13.60 -3.55 14.48
N VAL B 208 -13.13 -2.40 14.94
CA VAL B 208 -13.92 -1.57 15.83
C VAL B 208 -13.34 -0.16 15.87
N MET B 209 -14.20 0.83 16.06
CA MET B 209 -13.74 2.16 16.37
C MET B 209 -14.02 2.45 17.83
N VAL B 210 -12.98 2.80 18.59
CA VAL B 210 -13.13 3.14 20.00
C VAL B 210 -13.78 4.51 20.13
N LYS B 211 -14.91 4.58 20.82
CA LYS B 211 -15.65 5.84 20.88
C LYS B 211 -15.50 6.58 22.21
N SER B 212 -14.97 5.89 23.21
CA SER B 212 -14.69 6.52 24.51
C SER B 212 -13.47 5.88 25.14
N VAL B 213 -12.74 6.66 25.95
CA VAL B 213 -11.58 6.14 26.64
C VAL B 213 -11.97 5.02 27.62
N GLU B 214 -13.18 5.12 28.18
CA GLU B 214 -13.73 4.06 29.06
C GLU B 214 -13.74 2.70 28.38
N GLU B 215 -13.90 2.73 27.06
CA GLU B 215 -14.16 1.55 26.24
C GLU B 215 -12.84 0.97 25.74
N LEU B 216 -11.77 1.76 25.87
CA LEU B 216 -10.46 1.41 25.31
C LEU B 216 -9.86 0.08 25.81
N PRO B 217 -9.79 -0.13 27.14
CA PRO B 217 -9.24 -1.41 27.62
C PRO B 217 -10.04 -2.60 27.08
N LEU B 218 -11.37 -2.49 27.12
CA LEU B 218 -12.24 -3.56 26.62
C LEU B 218 -11.94 -3.92 25.17
N ARG B 219 -11.89 -2.92 24.30
CA ARG B 219 -11.68 -3.16 22.87
C ARG B 219 -10.29 -3.74 22.58
N ILE B 220 -9.30 -3.31 23.35
CA ILE B 220 -7.96 -3.85 23.20
C ILE B 220 -7.94 -5.33 23.60
N ASN B 221 -8.58 -5.65 24.71
CA ASN B 221 -8.64 -7.04 25.15
C ASN B 221 -9.41 -7.93 24.17
N GLU B 222 -10.52 -7.42 23.64
CA GLU B 222 -11.28 -8.14 22.63
C GLU B 222 -10.44 -8.36 21.37
N ALA B 223 -9.72 -7.32 20.95
CA ALA B 223 -8.91 -7.41 19.73
C ALA B 223 -7.88 -8.55 19.84
N PHE B 224 -7.11 -8.56 20.93
CA PHE B 224 -6.11 -9.59 21.12
C PHE B 224 -6.73 -10.99 21.24
N GLU B 225 -7.89 -11.08 21.87
CA GLU B 225 -8.52 -12.38 22.05
C GLU B 225 -8.99 -12.96 20.71
N ILE B 226 -9.64 -12.11 19.91
CA ILE B 226 -10.13 -12.52 18.61
C ILE B 226 -8.98 -12.85 17.64
N ALA B 227 -7.94 -12.04 17.67
CA ALA B 227 -6.80 -12.24 16.77
C ALA B 227 -6.12 -13.59 16.98
N THR B 228 -6.14 -14.08 18.22
CA THR B 228 -5.38 -15.27 18.59
C THR B 228 -6.23 -16.53 18.78
N SER B 229 -7.53 -16.45 18.54
CA SER B 229 -8.41 -17.60 18.76
C SER B 229 -9.00 -18.11 17.45
N GLY B 230 -9.62 -19.30 17.49
CA GLY B 230 -10.13 -19.94 16.29
C GLY B 230 -9.05 -20.03 15.23
N ARG B 231 -9.37 -19.69 13.99
CA ARG B 231 -8.30 -19.45 13.03
C ARG B 231 -7.75 -18.06 13.31
N PRO B 232 -6.46 -17.98 13.64
CA PRO B 232 -5.85 -16.68 13.95
C PRO B 232 -5.97 -15.74 12.77
N GLY B 233 -5.93 -14.43 13.01
CA GLY B 233 -6.07 -13.45 11.94
C GLY B 233 -5.89 -12.02 12.41
N PRO B 234 -5.92 -11.06 11.47
CA PRO B 234 -5.74 -9.64 11.79
C PRO B 234 -7.03 -9.02 12.31
N VAL B 235 -6.91 -8.10 13.27
CA VAL B 235 -8.04 -7.29 13.71
C VAL B 235 -7.59 -5.83 13.66
N LEU B 236 -8.54 -4.92 13.50
CA LEU B 236 -8.17 -3.51 13.44
C LEU B 236 -8.91 -2.72 14.52
N VAL B 237 -8.19 -1.87 15.24
CA VAL B 237 -8.79 -1.01 16.24
C VAL B 237 -8.51 0.45 15.89
N ASP B 238 -9.57 1.20 15.62
CA ASP B 238 -9.48 2.59 15.18
C ASP B 238 -9.48 3.52 16.41
N LEU B 239 -8.50 4.41 16.51
CA LEU B 239 -8.31 5.23 17.72
C LEU B 239 -8.42 6.73 17.44
N PRO B 240 -9.62 7.30 17.65
CA PRO B 240 -9.80 8.73 17.40
C PRO B 240 -8.90 9.56 18.32
N LYS B 241 -8.37 10.66 17.79
CA LYS B 241 -7.40 11.47 18.51
C LYS B 241 -7.93 12.00 19.84
N ASP B 242 -9.20 12.38 19.87
CA ASP B 242 -9.78 12.91 21.11
C ASP B 242 -9.94 11.83 22.18
N VAL B 243 -10.09 10.57 21.74
CA VAL B 243 -10.17 9.44 22.66
C VAL B 243 -8.81 9.14 23.29
N THR B 244 -7.75 9.16 22.50
CA THR B 244 -6.43 8.86 23.03
C THR B 244 -5.83 10.02 23.81
N ALA B 245 -6.29 11.23 23.54
CA ALA B 245 -5.85 12.40 24.30
C ALA B 245 -6.68 12.59 25.57
N ALA B 246 -7.86 11.97 25.62
CA ALA B 246 -8.77 12.14 26.76
C ALA B 246 -8.26 11.48 28.02
N ILE B 247 -8.54 12.12 29.17
CA ILE B 247 -8.21 11.56 30.47
C ILE B 247 -9.41 10.81 31.04
N LEU B 248 -9.18 9.57 31.48
CA LEU B 248 -10.25 8.78 32.08
C LEU B 248 -10.66 9.37 33.42
N ARG B 249 -11.93 9.74 33.55
CA ARG B 249 -12.44 10.32 34.80
C ARG B 249 -13.21 9.31 35.63
N ASN B 250 -13.71 8.26 34.97
CA ASN B 250 -14.62 7.32 35.63
C ASN B 250 -14.01 5.95 35.83
N PRO B 251 -14.34 5.31 36.96
CA PRO B 251 -13.94 3.91 37.17
C PRO B 251 -14.57 3.05 36.08
N ILE B 252 -13.90 1.97 35.70
CA ILE B 252 -14.42 1.08 34.68
C ILE B 252 -14.42 -0.35 35.23
N PRO B 253 -15.28 -1.22 34.67
CA PRO B 253 -15.36 -2.59 35.20
C PRO B 253 -14.02 -3.33 35.10
N THR B 254 -13.58 -3.89 36.22
CA THR B 254 -12.30 -4.58 36.33
C THR B 254 -12.12 -5.66 35.27
N LYS B 255 -13.20 -6.38 34.95
CA LYS B 255 -13.15 -7.44 33.95
C LYS B 255 -12.78 -6.93 32.56
N THR B 256 -13.11 -5.67 32.25
CA THR B 256 -12.81 -5.10 30.93
C THR B 256 -11.34 -4.72 30.79
N THR B 257 -10.63 -4.71 31.92
CA THR B 257 -9.22 -4.30 31.93
C THR B 257 -8.28 -5.50 31.97
N LEU B 258 -8.85 -6.68 32.24
CA LEU B 258 -8.06 -7.91 32.31
C LEU B 258 -8.21 -8.75 31.04
N PRO B 259 -7.08 -9.17 30.46
CA PRO B 259 -7.00 -10.02 29.26
C PRO B 259 -7.93 -11.24 29.31
N SER B 260 -8.47 -11.61 28.14
CA SER B 260 -9.47 -12.69 28.03
C SER B 260 -10.72 -12.42 28.85
N THR B 267 -16.48 -24.41 25.85
CA THR B 267 -17.21 -25.31 24.96
C THR B 267 -18.26 -26.12 25.73
N SER B 268 -19.47 -26.16 25.18
CA SER B 268 -20.55 -26.96 25.75
C SER B 268 -20.16 -28.44 25.79
N ARG B 269 -20.54 -29.14 26.85
CA ARG B 269 -20.25 -30.57 26.96
C ARG B 269 -20.97 -31.34 25.87
N ALA B 270 -22.10 -30.81 25.41
CA ALA B 270 -22.80 -31.38 24.25
C ALA B 270 -21.87 -31.37 23.04
N GLN B 271 -21.33 -30.19 22.73
CA GLN B 271 -20.36 -30.05 21.65
C GLN B 271 -19.15 -30.95 21.89
N ASP B 272 -18.65 -30.95 23.13
CA ASP B 272 -17.51 -31.78 23.50
C ASP B 272 -17.77 -33.27 23.25
N GLU B 273 -19.00 -33.70 23.52
CA GLU B 273 -19.39 -35.07 23.25
C GLU B 273 -19.50 -35.30 21.75
N PHE B 274 -20.02 -34.31 21.04
CA PHE B 274 -20.19 -34.42 19.60
C PHE B 274 -18.84 -34.57 18.90
N VAL B 275 -17.86 -33.79 19.38
CA VAL B 275 -16.50 -33.89 18.86
C VAL B 275 -15.91 -35.27 19.15
N MET B 276 -16.07 -35.73 20.38
CA MET B 276 -15.57 -37.04 20.80
C MET B 276 -16.14 -38.14 19.91
N GLN B 277 -17.42 -38.00 19.59
CA GLN B 277 -18.09 -38.92 18.68
C GLN B 277 -17.41 -38.94 17.31
N SER B 278 -17.09 -37.77 16.79
CA SER B 278 -16.43 -37.65 15.49
CA SER B 278 -16.44 -37.68 15.49
C SER B 278 -15.02 -38.22 15.54
N ILE B 279 -14.36 -38.02 16.68
CA ILE B 279 -13.01 -38.56 16.88
C ILE B 279 -13.05 -40.07 16.82
N ASN B 280 -14.04 -40.66 17.48
CA ASN B 280 -14.24 -42.11 17.47
C ASN B 280 -14.44 -42.65 16.06
N LYS B 281 -15.29 -41.98 15.29
CA LYS B 281 -15.55 -42.39 13.91
C LYS B 281 -14.31 -42.24 13.05
N ALA B 282 -13.55 -41.20 13.30
CA ALA B 282 -12.35 -40.94 12.51
C ALA B 282 -11.26 -42.00 12.80
N ALA B 283 -11.15 -42.41 14.06
CA ALA B 283 -10.24 -43.49 14.43
C ALA B 283 -10.57 -44.80 13.73
N ASP B 284 -11.86 -45.16 13.71
CA ASP B 284 -12.32 -46.38 13.04
C ASP B 284 -11.95 -46.36 11.55
N LEU B 285 -12.19 -45.24 10.89
CA LEU B 285 -11.88 -45.08 9.47
C LEU B 285 -10.38 -45.24 9.22
N ILE B 286 -9.58 -44.59 10.06
CA ILE B 286 -8.13 -44.67 9.94
C ILE B 286 -7.65 -46.11 10.14
N ASN B 287 -8.16 -46.77 11.16
CA ASN B 287 -7.81 -48.16 11.44
C ASN B 287 -8.21 -49.11 10.31
N LEU B 288 -9.09 -48.64 9.44
CA LEU B 288 -9.60 -49.42 8.33
C LEU B 288 -8.80 -49.17 7.03
N ALA B 289 -8.10 -48.05 6.97
CA ALA B 289 -7.43 -47.61 5.74
C ALA B 289 -6.24 -48.48 5.32
N LYS B 290 -6.09 -48.66 4.01
CA LYS B 290 -4.99 -49.44 3.45
C LYS B 290 -3.97 -48.54 2.73
N LYS B 291 -4.43 -47.42 2.19
CA LYS B 291 -3.56 -46.45 1.53
C LYS B 291 -3.81 -45.03 2.04
N PRO B 292 -3.53 -44.78 3.33
CA PRO B 292 -3.85 -43.47 3.91
C PRO B 292 -2.79 -42.41 3.61
N VAL B 293 -3.22 -41.16 3.57
CA VAL B 293 -2.31 -40.04 3.43
C VAL B 293 -2.66 -38.95 4.43
N LEU B 294 -1.65 -38.48 5.16
CA LEU B 294 -1.81 -37.30 5.99
C LEU B 294 -1.56 -36.05 5.15
N TYR B 295 -2.58 -35.20 5.06
CA TYR B 295 -2.50 -33.96 4.30
C TYR B 295 -2.49 -32.81 5.31
N VAL B 296 -1.30 -32.27 5.56
CA VAL B 296 -1.06 -31.43 6.73
C VAL B 296 -0.79 -29.98 6.33
N GLY B 297 -1.42 -29.05 7.04
CA GLY B 297 -1.28 -27.64 6.72
C GLY B 297 -0.87 -26.77 7.89
N ALA B 298 -1.02 -25.46 7.71
CA ALA B 298 -0.58 -24.47 8.70
C ALA B 298 -1.23 -24.63 10.06
N GLY B 299 -2.44 -25.21 10.10
CA GLY B 299 -3.16 -25.38 11.35
C GLY B 299 -2.40 -26.17 12.42
N ILE B 300 -1.57 -27.12 11.97
CA ILE B 300 -0.81 -27.95 12.91
C ILE B 300 0.28 -27.14 13.62
N LEU B 301 0.66 -26.01 13.02
CA LEU B 301 1.70 -25.15 13.58
C LEU B 301 1.16 -24.14 14.59
N ASN B 302 -0.16 -24.14 14.78
CA ASN B 302 -0.78 -23.19 15.71
C ASN B 302 -0.82 -23.71 17.15
N HIS B 303 -0.15 -24.83 17.38
CA HIS B 303 0.00 -25.38 18.73
C HIS B 303 1.44 -25.88 18.87
N ALA B 304 2.07 -25.59 20.02
CA ALA B 304 3.45 -26.03 20.25
C ALA B 304 3.63 -27.54 20.11
N ASP B 305 2.60 -28.32 20.44
CA ASP B 305 2.68 -29.78 20.41
C ASP B 305 2.22 -30.39 19.09
N GLY B 306 1.80 -29.54 18.15
CA GLY B 306 1.33 -29.98 16.85
C GLY B 306 2.24 -30.96 16.13
N PRO B 307 3.45 -30.50 15.76
CA PRO B 307 4.38 -31.36 15.02
C PRO B 307 4.70 -32.65 15.77
N ARG B 308 4.81 -32.57 17.09
CA ARG B 308 5.08 -33.76 17.90
C ARG B 308 3.98 -34.79 17.76
N LEU B 309 2.73 -34.35 17.90
CA LEU B 309 1.59 -35.25 17.79
C LEU B 309 1.43 -35.75 16.36
N LEU B 310 1.73 -34.90 15.39
CA LEU B 310 1.71 -35.31 13.99
C LEU B 310 2.70 -36.44 13.76
N LYS B 311 3.92 -36.27 14.26
CA LYS B 311 4.96 -37.28 14.12
C LYS B 311 4.53 -38.56 14.81
N GLU B 312 3.91 -38.43 15.98
CA GLU B 312 3.45 -39.59 16.74
C GLU B 312 2.41 -40.39 15.95
N LEU B 313 1.40 -39.70 15.43
CA LEU B 313 0.36 -40.36 14.64
C LEU B 313 0.95 -41.03 13.40
N SER B 314 1.86 -40.33 12.71
CA SER B 314 2.50 -40.86 11.52
C SER B 314 3.31 -42.13 11.83
N ASP B 315 4.08 -42.10 12.92
CA ASP B 315 4.86 -43.27 13.32
C ASP B 315 3.96 -44.43 13.71
N ARG B 316 2.90 -44.12 14.45
CA ARG B 316 2.04 -45.14 15.04
C ARG B 316 1.22 -45.89 13.99
N ALA B 317 0.61 -45.16 13.06
CA ALA B 317 -0.22 -45.79 12.05
C ALA B 317 0.50 -45.92 10.72
N GLN B 318 1.81 -45.63 10.72
CA GLN B 318 2.64 -45.69 9.51
C GLN B 318 1.99 -44.99 8.32
N ILE B 319 1.66 -43.72 8.50
CA ILE B 319 1.00 -42.94 7.46
C ILE B 319 1.96 -41.93 6.84
N PRO B 320 2.09 -41.96 5.50
CA PRO B 320 2.93 -40.98 4.80
C PRO B 320 2.34 -39.58 4.94
N VAL B 321 3.19 -38.58 5.00
CA VAL B 321 2.76 -37.21 5.27
C VAL B 321 3.20 -36.25 4.16
N THR B 322 2.23 -35.54 3.59
CA THR B 322 2.53 -34.44 2.69
C THR B 322 2.03 -33.15 3.34
N THR B 323 2.73 -32.04 3.08
CA THR B 323 2.30 -30.76 3.62
C THR B 323 2.00 -29.78 2.50
N THR B 324 1.19 -28.78 2.81
CA THR B 324 1.04 -27.62 1.95
C THR B 324 2.29 -26.77 2.04
N LEU B 325 2.36 -25.74 1.20
CA LEU B 325 3.39 -24.72 1.28
C LEU B 325 3.47 -24.15 2.70
N GLN B 326 2.32 -23.94 3.33
CA GLN B 326 2.27 -23.30 4.64
C GLN B 326 2.44 -24.29 5.80
N GLY B 327 2.53 -25.57 5.47
CA GLY B 327 2.75 -26.59 6.49
C GLY B 327 4.21 -27.04 6.52
N LEU B 328 5.01 -26.51 5.61
CA LEU B 328 6.42 -26.88 5.50
C LEU B 328 7.16 -26.60 6.80
N GLY B 329 7.87 -27.61 7.30
CA GLY B 329 8.56 -27.49 8.56
C GLY B 329 7.83 -28.23 9.68
N SER B 330 6.56 -28.55 9.46
CA SER B 330 5.79 -29.25 10.48
C SER B 330 6.15 -30.73 10.55
N PHE B 331 6.73 -31.26 9.47
CA PHE B 331 7.15 -32.65 9.43
C PHE B 331 8.60 -32.76 8.96
N ASP B 332 9.36 -33.63 9.62
CA ASP B 332 10.77 -33.83 9.26
C ASP B 332 10.86 -34.46 7.87
N GLN B 333 11.38 -33.71 6.90
CA GLN B 333 11.46 -34.21 5.54
C GLN B 333 12.54 -35.27 5.35
N GLU B 334 13.34 -35.50 6.39
CA GLU B 334 14.33 -36.58 6.35
C GLU B 334 13.68 -37.91 6.69
N ASP B 335 12.50 -37.85 7.31
CA ASP B 335 11.76 -39.07 7.66
C ASP B 335 11.36 -39.82 6.39
N PRO B 336 11.52 -41.15 6.39
CA PRO B 336 11.16 -41.98 5.24
C PRO B 336 9.69 -41.85 4.86
N LYS B 337 8.84 -41.38 5.77
CA LYS B 337 7.41 -41.27 5.50
C LYS B 337 7.01 -39.89 4.94
N SER B 338 7.98 -39.03 4.71
CA SER B 338 7.71 -37.70 4.14
C SER B 338 7.43 -37.80 2.64
N LEU B 339 6.37 -37.14 2.19
CA LEU B 339 6.03 -37.10 0.79
C LEU B 339 6.41 -35.76 0.16
N ASP B 340 6.93 -34.86 1.00
CA ASP B 340 7.27 -33.49 0.59
C ASP B 340 5.99 -32.70 0.32
N MET B 341 6.09 -31.64 -0.47
CA MET B 341 4.96 -30.74 -0.71
C MET B 341 4.03 -31.26 -1.81
N LEU B 342 2.73 -31.06 -1.63
CA LEU B 342 1.77 -31.40 -2.69
C LEU B 342 1.26 -30.13 -3.39
N GLY B 343 0.58 -30.30 -4.51
CA GLY B 343 -0.09 -29.18 -5.16
C GLY B 343 0.38 -28.84 -6.57
N MET B 344 0.06 -27.62 -6.99
CA MET B 344 0.36 -27.12 -8.33
C MET B 344 1.83 -27.29 -8.69
N HIS B 345 2.71 -26.98 -7.74
CA HIS B 345 4.14 -27.15 -7.95
C HIS B 345 4.71 -28.14 -6.95
N GLY B 346 3.86 -29.01 -6.42
CA GLY B 346 4.30 -30.03 -5.48
C GLY B 346 5.05 -31.14 -6.20
N CYS B 347 5.69 -32.03 -5.45
CA CYS B 347 6.42 -33.10 -6.09
C CYS B 347 5.46 -34.20 -6.53
N ALA B 348 5.84 -34.94 -7.56
CA ALA B 348 4.96 -35.93 -8.16
C ALA B 348 4.50 -37.01 -7.18
N THR B 349 5.39 -37.45 -6.30
CA THR B 349 5.07 -38.51 -5.34
C THR B 349 3.90 -38.11 -4.44
N ALA B 350 3.96 -36.90 -3.90
CA ALA B 350 2.91 -36.38 -3.05
C ALA B 350 1.58 -36.36 -3.79
N ASN B 351 1.58 -35.78 -4.98
CA ASN B 351 0.36 -35.69 -5.80
C ASN B 351 -0.21 -37.06 -6.15
N LEU B 352 0.64 -37.98 -6.58
CA LEU B 352 0.21 -39.33 -6.92
C LEU B 352 -0.35 -40.07 -5.71
N ALA B 353 0.28 -39.88 -4.56
CA ALA B 353 -0.17 -40.53 -3.33
C ALA B 353 -1.56 -40.04 -2.97
N VAL B 354 -1.78 -38.74 -3.09
CA VAL B 354 -3.07 -38.14 -2.78
C VAL B 354 -4.17 -38.64 -3.74
N GLN B 355 -3.82 -38.79 -5.02
CA GLN B 355 -4.79 -39.24 -6.01
C GLN B 355 -5.07 -40.74 -5.91
N ASN B 356 -4.17 -41.48 -5.26
CA ASN B 356 -4.32 -42.93 -5.11
C ASN B 356 -4.66 -43.36 -3.70
N ALA B 357 -4.87 -42.40 -2.81
CA ALA B 357 -5.20 -42.70 -1.42
C ALA B 357 -6.66 -43.14 -1.25
N ASP B 358 -6.90 -44.10 -0.38
CA ASP B 358 -8.27 -44.46 -0.04
C ASP B 358 -8.77 -43.62 1.14
N LEU B 359 -7.84 -43.00 1.86
CA LEU B 359 -8.20 -42.13 2.97
C LEU B 359 -7.28 -40.91 3.03
N ILE B 360 -7.87 -39.73 2.95
CA ILE B 360 -7.12 -38.50 3.14
C ILE B 360 -7.44 -37.90 4.50
N ILE B 361 -6.42 -37.78 5.34
CA ILE B 361 -6.57 -37.19 6.66
C ILE B 361 -6.06 -35.76 6.65
N ALA B 362 -6.99 -34.81 6.47
CA ALA B 362 -6.66 -33.40 6.37
C ALA B 362 -6.49 -32.75 7.74
N VAL B 363 -5.28 -32.28 8.03
CA VAL B 363 -4.98 -31.71 9.34
C VAL B 363 -4.54 -30.25 9.21
N GLY B 364 -5.42 -29.33 9.61
CA GLY B 364 -5.12 -27.91 9.56
C GLY B 364 -4.78 -27.40 8.17
N ALA B 365 -5.52 -27.87 7.17
CA ALA B 365 -5.33 -27.43 5.79
C ALA B 365 -6.69 -27.16 5.17
N ARG B 366 -6.77 -26.19 4.26
CA ARG B 366 -8.09 -25.77 3.78
C ARG B 366 -8.42 -26.11 2.33
N PHE B 367 -7.70 -27.07 1.76
CA PHE B 367 -7.94 -27.49 0.37
C PHE B 367 -7.96 -26.32 -0.61
N ASP B 368 -6.93 -25.49 -0.57
CA ASP B 368 -6.85 -24.37 -1.50
C ASP B 368 -6.76 -24.82 -2.95
N ASP B 369 -7.20 -23.97 -3.88
CA ASP B 369 -7.16 -24.25 -5.31
C ASP B 369 -5.72 -24.49 -5.84
N ARG B 370 -4.72 -23.93 -5.17
CA ARG B 370 -3.33 -24.18 -5.55
C ARG B 370 -2.86 -25.57 -5.12
N VAL B 371 -3.69 -26.26 -4.34
CA VAL B 371 -3.34 -27.60 -3.81
C VAL B 371 -4.06 -28.73 -4.55
N THR B 372 -5.36 -28.52 -4.79
CA THR B 372 -6.22 -29.60 -5.26
C THR B 372 -6.13 -29.86 -6.74
N GLY B 373 -5.70 -28.86 -7.50
CA GLY B 373 -5.82 -28.91 -8.95
C GLY B 373 -7.30 -28.91 -9.32
N ASN B 374 -7.62 -29.36 -10.53
CA ASN B 374 -9.01 -29.52 -10.94
C ASN B 374 -9.79 -30.31 -9.89
N ILE B 375 -10.71 -29.64 -9.21
CA ILE B 375 -11.43 -30.21 -8.07
C ILE B 375 -12.23 -31.46 -8.43
N SER B 376 -12.75 -31.53 -9.66
CA SER B 376 -13.57 -32.66 -10.06
C SER B 376 -12.71 -33.90 -10.34
N LYS B 377 -11.40 -33.72 -10.44
CA LYS B 377 -10.48 -34.83 -10.65
C LYS B 377 -9.73 -35.16 -9.37
N PHE B 378 -9.95 -34.36 -8.33
CA PHE B 378 -9.21 -34.48 -7.08
C PHE B 378 -9.62 -35.71 -6.28
N ALA B 379 -8.61 -36.47 -5.86
CA ALA B 379 -8.79 -37.61 -4.96
C ALA B 379 -9.85 -38.62 -5.38
N PRO B 380 -9.69 -39.23 -6.57
CA PRO B 380 -10.72 -40.15 -7.04
C PRO B 380 -10.76 -41.44 -6.21
N GLU B 381 -9.60 -41.90 -5.76
CA GLU B 381 -9.54 -43.14 -4.97
C GLU B 381 -10.20 -43.00 -3.61
N ALA B 382 -10.07 -41.81 -3.00
CA ALA B 382 -10.74 -41.54 -1.74
C ALA B 382 -12.25 -41.40 -1.93
N ARG B 383 -12.65 -40.80 -3.04
CA ARG B 383 -14.06 -40.69 -3.38
C ARG B 383 -14.67 -42.06 -3.64
N ARG B 384 -13.91 -42.91 -4.33
CA ARG B 384 -14.34 -44.28 -4.57
C ARG B 384 -14.53 -45.02 -3.25
N ALA B 385 -13.56 -44.85 -2.35
CA ALA B 385 -13.60 -45.49 -1.04
C ALA B 385 -14.76 -44.99 -0.18
N ALA B 386 -15.07 -43.70 -0.32
CA ALA B 386 -16.18 -43.10 0.41
C ALA B 386 -17.52 -43.70 -0.02
N ALA B 387 -17.66 -43.95 -1.32
CA ALA B 387 -18.88 -44.53 -1.87
C ALA B 387 -19.10 -45.97 -1.39
N GLU B 388 -18.01 -46.63 -1.00
CA GLU B 388 -18.09 -48.01 -0.52
C GLU B 388 -17.92 -48.06 1.01
N GLY B 389 -18.00 -46.89 1.64
CA GLY B 389 -17.93 -46.80 3.09
C GLY B 389 -16.64 -47.33 3.71
N ARG B 390 -15.54 -47.22 2.96
CA ARG B 390 -14.26 -47.75 3.42
C ARG B 390 -13.16 -46.70 3.45
N GLY B 391 -13.55 -45.43 3.34
CA GLY B 391 -12.58 -44.34 3.34
C GLY B 391 -13.21 -43.02 2.97
N GLY B 392 -12.42 -42.15 2.35
CA GLY B 392 -12.89 -40.84 1.97
C GLY B 392 -12.01 -39.74 2.54
N ILE B 393 -12.63 -38.75 3.18
CA ILE B 393 -11.89 -37.62 3.73
C ILE B 393 -12.27 -37.32 5.17
N ILE B 394 -11.24 -37.18 6.01
CA ILE B 394 -11.41 -36.72 7.38
C ILE B 394 -10.80 -35.33 7.48
N HIS B 395 -11.51 -34.40 8.11
CA HIS B 395 -11.04 -33.02 8.18
C HIS B 395 -10.95 -32.51 9.62
N PHE B 396 -9.72 -32.32 10.10
CA PHE B 396 -9.49 -31.69 11.40
C PHE B 396 -9.38 -30.19 11.19
N GLU B 397 -10.48 -29.48 11.46
CA GLU B 397 -10.58 -28.06 11.12
C GLU B 397 -11.16 -27.23 12.27
N VAL B 398 -10.52 -26.08 12.55
CA VAL B 398 -10.94 -25.24 13.66
C VAL B 398 -12.11 -24.33 13.30
N SER B 399 -12.20 -23.95 12.03
CA SER B 399 -13.22 -22.99 11.59
C SER B 399 -14.33 -23.70 10.81
N PRO B 400 -15.55 -23.69 11.36
CA PRO B 400 -16.72 -24.36 10.79
C PRO B 400 -17.00 -23.95 9.35
N LYS B 401 -16.71 -22.69 9.00
CA LYS B 401 -17.00 -22.21 7.65
C LYS B 401 -16.02 -22.78 6.60
N ASN B 402 -14.94 -23.41 7.06
CA ASN B 402 -14.00 -24.04 6.14
C ASN B 402 -14.22 -25.54 5.99
N ILE B 403 -15.30 -26.06 6.58
CA ILE B 403 -15.64 -27.47 6.46
C ILE B 403 -16.74 -27.65 5.42
N ASN B 404 -16.58 -28.64 4.54
CA ASN B 404 -17.51 -28.86 3.42
C ASN B 404 -17.62 -27.61 2.55
N LYS B 405 -16.52 -26.89 2.48
CA LYS B 405 -16.42 -25.64 1.75
CA LYS B 405 -16.43 -25.65 1.74
C LYS B 405 -15.93 -25.89 0.32
N VAL B 406 -14.97 -26.80 0.19
CA VAL B 406 -14.37 -27.13 -1.10
C VAL B 406 -14.73 -28.55 -1.50
N VAL B 407 -14.62 -29.47 -0.56
CA VAL B 407 -14.78 -30.89 -0.85
C VAL B 407 -15.75 -31.56 0.13
N GLN B 408 -16.57 -32.47 -0.38
CA GLN B 408 -17.48 -33.25 0.46
C GLN B 408 -16.69 -34.08 1.47
N THR B 409 -17.03 -33.95 2.75
CA THR B 409 -16.26 -34.57 3.81
C THR B 409 -17.03 -35.68 4.52
N GLN B 410 -16.38 -36.82 4.75
CA GLN B 410 -17.03 -37.95 5.39
C GLN B 410 -17.14 -37.75 6.90
N ILE B 411 -16.06 -37.27 7.49
CA ILE B 411 -16.00 -37.00 8.93
C ILE B 411 -15.30 -35.68 9.19
N ALA B 412 -15.96 -34.77 9.90
CA ALA B 412 -15.34 -33.52 10.31
C ALA B 412 -15.08 -33.52 11.82
N VAL B 413 -13.85 -33.21 12.19
CA VAL B 413 -13.47 -33.09 13.59
C VAL B 413 -13.22 -31.62 13.91
N GLU B 414 -14.20 -30.98 14.54
CA GLU B 414 -14.12 -29.54 14.82
C GLU B 414 -13.24 -29.22 16.01
N GLY B 415 -12.48 -28.13 15.90
CA GLY B 415 -11.66 -27.66 17.00
C GLY B 415 -10.19 -27.60 16.65
N ASP B 416 -9.38 -27.32 17.66
CA ASP B 416 -7.92 -27.33 17.50
C ASP B 416 -7.45 -28.72 17.07
N ALA B 417 -6.74 -28.78 15.95
CA ALA B 417 -6.28 -30.05 15.40
C ALA B 417 -5.39 -30.80 16.37
N THR B 418 -4.43 -30.10 16.96
CA THR B 418 -3.48 -30.73 17.87
C THR B 418 -4.18 -31.35 19.07
N THR B 419 -5.07 -30.58 19.68
CA THR B 419 -5.87 -31.06 20.81
C THR B 419 -6.63 -32.32 20.43
N ASN B 420 -7.27 -32.29 19.26
CA ASN B 420 -8.06 -33.44 18.84
C ASN B 420 -7.21 -34.65 18.47
N LEU B 421 -6.02 -34.43 17.94
CA LEU B 421 -5.10 -35.53 17.65
C LEU B 421 -4.71 -36.23 18.95
N GLY B 422 -4.51 -35.45 20.01
CA GLY B 422 -4.17 -35.99 21.31
C GLY B 422 -5.27 -36.87 21.88
N LYS B 423 -6.52 -36.47 21.65
CA LYS B 423 -7.66 -37.23 22.14
C LYS B 423 -7.87 -38.51 21.34
N MET B 424 -7.38 -38.52 20.10
CA MET B 424 -7.60 -39.64 19.20
C MET B 424 -6.55 -40.74 19.32
N MET B 425 -5.32 -40.35 19.66
CA MET B 425 -4.15 -41.23 19.55
C MET B 425 -4.34 -42.64 20.10
N SER B 426 -4.87 -42.74 21.31
CA SER B 426 -5.02 -44.03 21.98
C SER B 426 -6.02 -44.94 21.29
N LYS B 427 -6.82 -44.39 20.38
CA LYS B 427 -7.83 -45.16 19.67
C LYS B 427 -7.30 -45.66 18.32
N ILE B 428 -6.12 -45.18 17.96
CA ILE B 428 -5.47 -45.57 16.71
C ILE B 428 -4.69 -46.87 16.90
N PHE B 429 -4.98 -47.87 16.08
CA PHE B 429 -4.26 -49.13 16.16
C PHE B 429 -2.88 -48.99 15.55
N PRO B 430 -1.85 -49.39 16.32
CA PRO B 430 -0.46 -49.32 15.86
C PRO B 430 -0.24 -50.24 14.66
N VAL B 431 0.24 -49.68 13.56
CA VAL B 431 0.45 -50.45 12.35
C VAL B 431 1.90 -50.92 12.26
N LYS B 432 2.08 -52.20 11.97
CA LYS B 432 3.40 -52.80 11.85
C LYS B 432 4.13 -52.27 10.64
N GLU B 433 3.51 -52.41 9.47
CA GLU B 433 4.09 -51.96 8.21
C GLU B 433 3.02 -51.76 7.15
N ARG B 434 3.34 -50.96 6.14
CA ARG B 434 2.48 -50.83 4.97
C ARG B 434 3.33 -51.07 3.74
N SER B 435 3.75 -52.33 3.57
CA SER B 435 4.73 -52.71 2.55
C SER B 435 4.34 -52.31 1.13
N GLU B 436 3.13 -52.68 0.73
CA GLU B 436 2.65 -52.38 -0.63
C GLU B 436 2.54 -50.88 -0.87
N TRP B 437 1.92 -50.18 0.07
CA TRP B 437 1.69 -48.75 -0.07
C TRP B 437 3.02 -47.99 -0.16
N PHE B 438 3.97 -48.34 0.72
CA PHE B 438 5.27 -47.67 0.71
C PHE B 438 6.20 -48.13 -0.43
N ALA B 439 6.01 -49.36 -0.91
CA ALA B 439 6.74 -49.80 -2.10
C ALA B 439 6.33 -48.94 -3.29
N GLN B 440 5.02 -48.77 -3.45
CA GLN B 440 4.49 -47.93 -4.53
C GLN B 440 5.00 -46.49 -4.42
N ILE B 441 5.01 -45.96 -3.20
CA ILE B 441 5.45 -44.59 -2.95
C ILE B 441 6.93 -44.41 -3.26
N ASN B 442 7.75 -45.35 -2.82
CA ASN B 442 9.19 -45.30 -3.06
C ASN B 442 9.54 -45.45 -4.54
N LYS B 443 8.74 -46.21 -5.28
CA LYS B 443 8.90 -46.30 -6.73
C LYS B 443 8.70 -44.94 -7.38
N TRP B 444 7.66 -44.21 -6.95
CA TRP B 444 7.40 -42.86 -7.44
C TRP B 444 8.55 -41.92 -7.11
N LYS B 445 9.11 -42.07 -5.92
CA LYS B 445 10.21 -41.20 -5.49
C LYS B 445 11.41 -41.40 -6.39
N LYS B 446 11.68 -42.65 -6.74
CA LYS B 446 12.81 -42.96 -7.61
C LYS B 446 12.63 -42.45 -9.04
N GLU B 447 11.42 -42.56 -9.57
CA GLU B 447 11.19 -42.17 -10.96
C GLU B 447 10.75 -40.72 -11.16
N TYR B 448 10.33 -40.05 -10.09
CA TYR B 448 9.92 -38.64 -10.20
C TYR B 448 10.51 -37.72 -9.13
N PRO B 449 11.84 -37.58 -9.11
CA PRO B 449 12.40 -36.58 -8.19
C PRO B 449 12.25 -35.16 -8.76
N TYR B 450 12.53 -34.15 -7.95
CA TYR B 450 12.57 -32.76 -8.42
C TYR B 450 13.71 -32.56 -9.42
N ALA B 451 13.52 -32.99 -10.66
CA ALA B 451 14.59 -32.86 -11.66
C ALA B 451 14.58 -31.49 -12.32
N TYR B 452 15.75 -31.06 -12.78
CA TYR B 452 15.91 -29.79 -13.48
C TYR B 452 17.19 -29.81 -14.31
N MET B 453 17.36 -28.81 -15.18
CA MET B 453 18.57 -28.72 -15.98
C MET B 453 19.73 -28.20 -15.13
N GLU B 454 20.71 -29.07 -14.90
CA GLU B 454 21.86 -28.70 -14.05
C GLU B 454 22.93 -27.94 -14.83
N GLU B 455 23.82 -27.28 -14.09
CA GLU B 455 24.93 -26.52 -14.68
C GLU B 455 25.77 -27.36 -15.65
N THR B 456 26.29 -26.69 -16.67
CA THR B 456 27.28 -27.27 -17.56
C THR B 456 28.41 -26.25 -17.67
N PRO B 457 29.61 -26.69 -18.09
CA PRO B 457 30.73 -25.74 -18.26
C PRO B 457 30.34 -24.55 -19.13
N GLY B 458 30.53 -23.34 -18.61
CA GLY B 458 30.20 -22.14 -19.37
C GLY B 458 28.76 -21.69 -19.24
N SER B 459 27.92 -22.51 -18.59
CA SER B 459 26.52 -22.14 -18.40
C SER B 459 26.35 -21.20 -17.24
N LYS B 460 25.21 -20.51 -17.20
CA LYS B 460 24.87 -19.70 -16.04
C LYS B 460 24.56 -20.60 -14.84
N ILE B 461 24.55 -19.99 -13.66
CA ILE B 461 24.18 -20.69 -12.45
C ILE B 461 22.68 -21.02 -12.48
N LYS B 462 22.33 -22.24 -12.10
CA LYS B 462 20.94 -22.66 -12.05
C LYS B 462 20.35 -22.32 -10.69
N PRO B 463 19.14 -21.74 -10.67
CA PRO B 463 18.53 -21.25 -9.42
C PRO B 463 18.26 -22.39 -8.43
N GLN B 464 17.86 -23.55 -8.93
CA GLN B 464 17.64 -24.71 -8.07
C GLN B 464 18.93 -25.11 -7.34
N THR B 465 20.05 -25.00 -8.03
CA THR B 465 21.36 -25.34 -7.46
C THR B 465 21.73 -24.43 -6.29
N VAL B 466 21.39 -23.15 -6.40
CA VAL B 466 21.67 -22.18 -5.34
C VAL B 466 20.94 -22.55 -4.05
N ILE B 467 19.67 -22.89 -4.16
CA ILE B 467 18.87 -23.28 -3.00
C ILE B 467 19.47 -24.51 -2.30
N LYS B 468 19.81 -25.52 -3.09
CA LYS B 468 20.38 -26.76 -2.55
C LYS B 468 21.66 -26.47 -1.79
N LYS B 469 22.56 -25.71 -2.41
CA LYS B 469 23.84 -25.39 -1.78
C LYS B 469 23.65 -24.51 -0.53
N LEU B 470 22.82 -23.48 -0.66
CA LEU B 470 22.55 -22.60 0.47
C LEU B 470 21.94 -23.37 1.64
N SER B 471 21.02 -24.28 1.32
CA SER B 471 20.42 -25.16 2.31
C SER B 471 21.49 -25.84 3.18
N LYS B 472 22.50 -26.40 2.52
CA LYS B 472 23.56 -27.11 3.22
C LYS B 472 24.48 -26.17 4.00
N VAL B 473 24.88 -25.08 3.35
CA VAL B 473 25.76 -24.09 3.99
C VAL B 473 25.12 -23.50 5.25
N ALA B 474 23.84 -23.16 5.16
CA ALA B 474 23.11 -22.61 6.30
C ALA B 474 23.00 -23.61 7.44
N ASN B 475 22.70 -24.87 7.10
CA ASN B 475 22.58 -25.94 8.09
C ASN B 475 23.92 -26.19 8.81
N ASP B 476 25.01 -26.05 8.08
CA ASP B 476 26.34 -26.31 8.63
C ASP B 476 26.80 -25.27 9.66
N THR B 477 26.10 -24.15 9.73
CA THR B 477 26.42 -23.11 10.71
C THR B 477 26.08 -23.57 12.12
N GLY B 478 25.22 -24.57 12.22
CA GLY B 478 24.78 -25.07 13.52
C GLY B 478 23.67 -24.22 14.13
N ARG B 479 23.36 -23.10 13.48
CA ARG B 479 22.37 -22.18 14.01
C ARG B 479 20.94 -22.58 13.65
N HIS B 480 19.98 -22.09 14.42
CA HIS B 480 18.58 -22.22 14.04
C HIS B 480 18.34 -21.30 12.84
N VAL B 481 17.79 -21.87 11.77
CA VAL B 481 17.62 -21.13 10.52
C VAL B 481 16.16 -20.84 10.23
N ILE B 482 15.87 -19.59 9.90
CA ILE B 482 14.52 -19.19 9.46
C ILE B 482 14.62 -18.63 8.06
N VAL B 483 13.74 -19.08 7.18
CA VAL B 483 13.75 -18.65 5.78
C VAL B 483 12.48 -17.90 5.42
N THR B 484 12.61 -16.69 4.85
CA THR B 484 11.46 -16.01 4.26
C THR B 484 11.67 -15.94 2.76
N THR B 485 10.62 -15.58 2.01
CA THR B 485 10.74 -15.44 0.56
C THR B 485 9.84 -14.35 0.02
N GLY B 486 10.11 -13.97 -1.23
CA GLY B 486 9.16 -13.17 -1.99
C GLY B 486 8.18 -14.12 -2.66
N VAL B 487 7.62 -13.69 -3.79
CA VAL B 487 6.61 -14.47 -4.49
C VAL B 487 7.04 -14.69 -5.94
N GLY B 488 6.96 -15.92 -6.40
CA GLY B 488 7.36 -16.28 -7.75
C GLY B 488 8.12 -17.60 -7.78
N GLN B 489 8.92 -17.79 -8.83
CA GLN B 489 9.66 -19.03 -9.02
C GLN B 489 10.64 -19.33 -7.88
N HIS B 490 11.39 -18.31 -7.45
CA HIS B 490 12.35 -18.46 -6.36
C HIS B 490 11.66 -18.99 -5.10
N GLN B 491 10.41 -18.59 -4.91
CA GLN B 491 9.61 -19.03 -3.76
C GLN B 491 9.33 -20.53 -3.84
N MET B 492 8.94 -20.99 -5.02
CA MET B 492 8.67 -22.40 -5.24
C MET B 492 9.95 -23.24 -5.15
N TRP B 493 11.03 -22.73 -5.73
CA TRP B 493 12.31 -23.43 -5.67
C TRP B 493 12.81 -23.52 -4.24
N ALA B 494 12.62 -22.46 -3.46
CA ALA B 494 12.95 -22.50 -2.04
C ALA B 494 12.13 -23.60 -1.35
N ALA B 495 10.83 -23.62 -1.62
CA ALA B 495 9.95 -24.62 -1.02
C ALA B 495 10.39 -26.05 -1.37
N GLN B 496 10.69 -26.27 -2.64
CA GLN B 496 11.05 -27.61 -3.13
C GLN B 496 12.42 -28.11 -2.68
N HIS B 497 13.43 -27.27 -2.84
CA HIS B 497 14.81 -27.76 -2.77
C HIS B 497 15.51 -27.58 -1.43
N TRP B 498 14.86 -26.85 -0.52
CA TRP B 498 15.33 -26.82 0.85
C TRP B 498 14.79 -28.07 1.55
N THR B 499 15.56 -28.64 2.47
CA THR B 499 15.08 -29.75 3.27
C THR B 499 14.52 -29.24 4.60
N TRP B 500 13.20 -29.28 4.74
CA TRP B 500 12.52 -28.70 5.91
C TRP B 500 12.42 -29.69 7.07
N ARG B 501 12.88 -29.25 8.25
CA ARG B 501 12.94 -30.12 9.42
C ARG B 501 12.37 -29.49 10.69
N ASN B 502 12.32 -28.17 10.75
CA ASN B 502 11.90 -27.48 11.97
C ASN B 502 10.67 -26.61 11.76
N PRO B 503 9.69 -26.71 12.68
CA PRO B 503 8.48 -25.87 12.66
C PRO B 503 8.79 -24.38 12.77
N HIS B 504 7.96 -23.56 12.11
CA HIS B 504 8.09 -22.10 12.18
C HIS B 504 9.42 -21.61 11.61
N THR B 505 9.91 -22.28 10.57
CA THR B 505 11.15 -21.87 9.93
C THR B 505 10.99 -21.51 8.45
N PHE B 506 9.78 -21.70 7.92
CA PHE B 506 9.48 -21.24 6.56
C PHE B 506 8.36 -20.21 6.62
N ILE B 507 8.68 -18.98 6.25
CA ILE B 507 7.73 -17.89 6.36
C ILE B 507 7.53 -17.22 5.00
N THR B 508 6.39 -17.52 4.39
CA THR B 508 6.16 -17.11 3.00
C THR B 508 4.69 -16.71 2.82
N SER B 509 4.42 -15.83 1.87
CA SER B 509 3.06 -15.37 1.60
C SER B 509 2.36 -16.31 0.62
N GLY B 510 1.39 -17.07 1.12
CA GLY B 510 0.79 -18.11 0.31
C GLY B 510 -0.59 -17.80 -0.24
N GLY B 511 -1.51 -17.36 0.63
CA GLY B 511 -2.89 -17.16 0.22
C GLY B 511 -3.06 -15.94 -0.68
N LEU B 512 -2.48 -14.81 -0.27
CA LEU B 512 -2.56 -13.59 -1.07
C LEU B 512 -1.39 -13.52 -2.06
N GLY B 513 -0.24 -14.10 -1.69
CA GLY B 513 0.93 -14.07 -2.54
C GLY B 513 1.46 -12.67 -2.81
N THR B 514 1.82 -11.96 -1.75
CA THR B 514 2.27 -10.58 -1.86
C THR B 514 3.77 -10.46 -2.16
N MET B 515 4.12 -10.06 -3.39
CA MET B 515 5.50 -9.70 -3.68
C MET B 515 5.95 -8.58 -2.74
N GLY B 516 7.20 -8.64 -2.30
CA GLY B 516 7.73 -7.65 -1.37
C GLY B 516 7.68 -8.12 0.08
N TYR B 517 7.07 -9.28 0.29
CA TYR B 517 6.91 -9.84 1.64
C TYR B 517 8.24 -10.16 2.27
N GLY B 518 9.18 -10.63 1.45
CA GLY B 518 10.39 -11.28 1.92
C GLY B 518 11.27 -10.51 2.89
N LEU B 519 11.66 -9.30 2.50
CA LEU B 519 12.56 -8.52 3.34
C LEU B 519 11.92 -8.08 4.68
N PRO B 520 10.76 -7.40 4.63
CA PRO B 520 10.23 -6.99 5.93
C PRO B 520 9.82 -8.17 6.82
N ALA B 521 9.34 -9.27 6.24
CA ALA B 521 9.02 -10.44 7.05
C ALA B 521 10.28 -10.99 7.73
N ALA B 522 11.41 -10.95 7.03
CA ALA B 522 12.67 -11.42 7.60
C ALA B 522 13.09 -10.54 8.78
N ILE B 523 12.94 -9.23 8.61
CA ILE B 523 13.27 -8.29 9.67
C ILE B 523 12.43 -8.57 10.91
N GLY B 524 11.12 -8.77 10.71
CA GLY B 524 10.22 -9.10 11.80
C GLY B 524 10.59 -10.41 12.46
N ALA B 525 10.90 -11.43 11.65
CA ALA B 525 11.28 -12.71 12.19
C ALA B 525 12.57 -12.61 13.01
N GLN B 526 13.51 -11.80 12.52
CA GLN B 526 14.78 -11.62 13.22
C GLN B 526 14.59 -10.92 14.57
N VAL B 527 13.62 -10.01 14.63
CA VAL B 527 13.27 -9.36 15.89
C VAL B 527 12.69 -10.39 16.87
N ALA B 528 11.85 -11.29 16.36
CA ALA B 528 11.27 -12.34 17.20
C ALA B 528 12.34 -13.31 17.71
N LYS B 529 13.32 -13.60 16.85
CA LYS B 529 14.33 -14.61 17.14
C LYS B 529 15.73 -14.05 16.90
N PRO B 530 16.21 -13.18 17.82
CA PRO B 530 17.46 -12.45 17.61
C PRO B 530 18.65 -13.38 17.41
N GLU B 531 18.56 -14.60 17.91
CA GLU B 531 19.67 -15.55 17.84
C GLU B 531 19.68 -16.40 16.58
N SER B 532 18.59 -16.35 15.82
CA SER B 532 18.48 -17.19 14.63
C SER B 532 19.17 -16.58 13.42
N LEU B 533 19.59 -17.46 12.50
CA LEU B 533 20.04 -17.03 11.19
C LEU B 533 18.81 -16.89 10.31
N VAL B 534 18.51 -15.65 9.92
CA VAL B 534 17.32 -15.38 9.12
C VAL B 534 17.71 -15.04 7.69
N ILE B 535 17.20 -15.82 6.74
CA ILE B 535 17.54 -15.66 5.33
C ILE B 535 16.29 -15.37 4.52
N ASP B 536 16.31 -14.26 3.79
CA ASP B 536 15.26 -13.93 2.83
C ASP B 536 15.71 -14.40 1.46
N ILE B 537 15.12 -15.48 0.96
CA ILE B 537 15.36 -15.91 -0.40
C ILE B 537 14.36 -15.18 -1.29
N ASP B 538 14.84 -14.22 -2.07
CA ASP B 538 13.96 -13.27 -2.73
C ASP B 538 14.14 -13.26 -4.25
N GLY B 539 13.12 -12.77 -4.96
CA GLY B 539 13.24 -12.57 -6.40
C GLY B 539 13.62 -11.13 -6.68
N ASP B 540 14.20 -10.87 -7.85
CA ASP B 540 14.59 -9.51 -8.17
C ASP B 540 13.37 -8.58 -8.21
N ALA B 541 12.28 -9.00 -8.87
CA ALA B 541 11.11 -8.14 -8.94
C ALA B 541 10.43 -7.97 -7.57
N SER B 542 10.28 -9.06 -6.82
CA SER B 542 9.73 -9.00 -5.48
C SER B 542 10.51 -8.05 -4.58
N PHE B 543 11.83 -8.18 -4.64
CA PHE B 543 12.71 -7.37 -3.80
C PHE B 543 12.56 -5.87 -4.09
N ASN B 544 12.39 -5.50 -5.37
CA ASN B 544 12.18 -4.10 -5.73
C ASN B 544 10.97 -3.47 -5.04
N MET B 545 9.95 -4.27 -4.78
CA MET B 545 8.71 -3.76 -4.18
C MET B 545 8.94 -3.05 -2.83
N THR B 546 9.77 -3.63 -1.97
CA THR B 546 9.91 -3.12 -0.61
C THR B 546 11.36 -2.92 -0.18
N LEU B 547 12.26 -2.77 -1.15
CA LEU B 547 13.69 -2.70 -0.86
C LEU B 547 14.10 -1.51 0.02
N THR B 548 13.19 -0.56 0.20
CA THR B 548 13.49 0.60 1.05
C THR B 548 13.71 0.21 2.52
N GLU B 549 13.14 -0.94 2.91
CA GLU B 549 13.27 -1.43 4.28
C GLU B 549 14.67 -1.94 4.63
N LEU B 550 15.57 -1.96 3.65
CA LEU B 550 16.97 -2.31 3.91
C LEU B 550 17.56 -1.43 5.02
N SER B 551 17.30 -0.13 4.96
CA SER B 551 17.82 0.79 5.96
C SER B 551 17.14 0.61 7.31
N SER B 552 15.90 0.11 7.29
CA SER B 552 15.16 -0.17 8.51
C SER B 552 15.81 -1.33 9.24
N ALA B 553 16.34 -2.28 8.46
CA ALA B 553 17.04 -3.43 9.04
C ALA B 553 18.28 -2.95 9.80
N VAL B 554 19.00 -1.99 9.22
CA VAL B 554 20.19 -1.44 9.87
C VAL B 554 19.79 -0.69 11.15
N GLN B 555 18.74 0.14 11.06
CA GLN B 555 18.33 0.91 12.23
C GLN B 555 17.83 -0.02 13.35
N ALA B 556 17.17 -1.12 12.96
CA ALA B 556 16.62 -2.05 13.93
C ALA B 556 17.68 -3.01 14.49
N GLY B 557 18.86 -3.03 13.88
CA GLY B 557 19.92 -3.93 14.32
C GLY B 557 19.62 -5.40 14.04
N THR B 558 18.94 -5.66 12.92
CA THR B 558 18.62 -7.04 12.52
C THR B 558 19.53 -7.51 11.38
N PRO B 559 20.47 -8.42 11.69
CA PRO B 559 21.46 -8.88 10.70
C PRO B 559 20.90 -9.92 9.73
N VAL B 560 19.81 -9.58 9.04
CA VAL B 560 19.21 -10.48 8.07
C VAL B 560 20.14 -10.73 6.88
N LYS B 561 20.06 -11.93 6.32
CA LYS B 561 20.83 -12.24 5.12
C LYS B 561 19.88 -12.26 3.93
N ILE B 562 20.09 -11.36 2.98
CA ILE B 562 19.20 -11.25 1.83
C ILE B 562 19.81 -11.88 0.59
N LEU B 563 19.15 -12.92 0.07
CA LEU B 563 19.59 -13.55 -1.17
C LEU B 563 18.66 -13.19 -2.32
N ILE B 564 19.21 -12.59 -3.36
CA ILE B 564 18.41 -12.28 -4.54
C ILE B 564 18.76 -13.23 -5.68
N LEU B 565 17.79 -14.07 -6.06
CA LEU B 565 17.95 -14.90 -7.25
C LEU B 565 17.56 -14.05 -8.44
N ASN B 566 18.56 -13.41 -9.04
CA ASN B 566 18.30 -12.43 -10.08
C ASN B 566 18.25 -13.06 -11.48
N ASN B 567 17.03 -13.21 -12.00
CA ASN B 567 16.85 -13.68 -13.36
C ASN B 567 16.37 -12.53 -14.25
N GLU B 568 16.47 -11.31 -13.74
CA GLU B 568 16.07 -10.09 -14.46
C GLU B 568 14.68 -10.21 -15.09
N GLU B 569 13.73 -10.73 -14.32
CA GLU B 569 12.39 -10.93 -14.85
C GLU B 569 11.42 -11.24 -13.73
N GLN B 570 10.14 -11.01 -14.01
CA GLN B 570 9.07 -11.55 -13.21
C GLN B 570 8.89 -13.00 -13.70
N GLY B 571 9.78 -13.87 -13.23
CA GLY B 571 9.89 -15.24 -13.73
C GLY B 571 8.61 -16.05 -13.74
N MET B 572 7.85 -15.95 -12.66
CA MET B 572 6.62 -16.72 -12.53
C MET B 572 5.63 -16.29 -13.61
N VAL B 573 5.57 -14.99 -13.89
CA VAL B 573 4.69 -14.50 -14.94
C VAL B 573 5.18 -14.89 -16.34
N THR B 574 6.50 -14.84 -16.58
CA THR B 574 7.03 -15.24 -17.88
C THR B 574 6.80 -16.73 -18.12
N GLN B 575 6.85 -17.54 -17.06
CA GLN B 575 6.55 -18.96 -17.17
C GLN B 575 5.15 -19.16 -17.74
N TRP B 576 4.18 -18.43 -17.18
CA TRP B 576 2.80 -18.52 -17.64
C TRP B 576 2.66 -17.98 -19.06
N GLN B 577 3.38 -16.91 -19.36
CA GLN B 577 3.37 -16.36 -20.71
C GLN B 577 4.01 -17.33 -21.72
N SER B 578 5.09 -18.01 -21.30
CA SER B 578 5.74 -19.00 -22.17
C SER B 578 4.79 -20.14 -22.46
N LEU B 579 4.13 -20.63 -21.42
CA LEU B 579 3.30 -21.82 -21.52
C LEU B 579 1.96 -21.56 -22.21
N PHE B 580 1.29 -20.47 -21.83
CA PHE B 580 -0.09 -20.27 -22.23
C PHE B 580 -0.32 -19.11 -23.21
N TYR B 581 0.69 -18.27 -23.40
CA TYR B 581 0.54 -17.11 -24.28
C TYR B 581 1.63 -17.01 -25.35
N GLU B 582 2.11 -18.17 -25.79
CA GLU B 582 3.04 -18.27 -26.91
C GLU B 582 4.26 -17.34 -26.82
N HIS B 583 4.86 -17.29 -25.63
CA HIS B 583 6.10 -16.55 -25.40
C HIS B 583 5.96 -15.05 -25.68
N ARG B 584 4.76 -14.53 -25.47
CA ARG B 584 4.51 -13.09 -25.55
C ARG B 584 4.74 -12.45 -24.18
N TYR B 585 5.93 -11.87 -23.99
CA TYR B 585 6.31 -11.33 -22.68
C TYR B 585 5.87 -9.89 -22.54
N SER B 586 4.64 -9.73 -22.06
CA SER B 586 4.03 -8.42 -21.97
C SER B 586 4.37 -7.77 -20.63
N HIS B 587 5.37 -6.89 -20.63
CA HIS B 587 5.69 -6.03 -19.50
C HIS B 587 6.17 -6.78 -18.25
N THR B 588 6.92 -7.85 -18.46
CA THR B 588 7.39 -8.67 -17.35
C THR B 588 8.90 -8.58 -17.13
N HIS B 589 9.52 -7.55 -17.73
CA HIS B 589 10.96 -7.33 -17.56
C HIS B 589 11.27 -5.93 -17.01
N GLN B 590 11.32 -5.82 -15.68
CA GLN B 590 11.58 -4.54 -15.04
C GLN B 590 13.09 -4.26 -15.00
N LEU B 591 13.47 -3.00 -15.11
CA LEU B 591 14.88 -2.62 -15.03
C LEU B 591 15.36 -2.60 -13.56
N ASN B 592 16.33 -3.44 -13.24
CA ASN B 592 16.84 -3.54 -11.88
C ASN B 592 17.89 -2.47 -11.55
N PRO B 593 17.93 -2.04 -10.29
CA PRO B 593 19.08 -1.21 -9.86
C PRO B 593 20.30 -2.08 -9.64
N ASP B 594 21.47 -1.48 -9.46
CA ASP B 594 22.64 -2.23 -9.03
C ASP B 594 22.43 -2.62 -7.57
N PHE B 595 22.17 -3.91 -7.32
CA PHE B 595 21.82 -4.36 -5.97
C PHE B 595 22.95 -4.22 -4.95
N ILE B 596 24.19 -4.32 -5.42
CA ILE B 596 25.35 -4.24 -4.52
C ILE B 596 25.57 -2.80 -4.11
N LYS B 597 25.55 -1.88 -5.08
CA LYS B 597 25.65 -0.46 -4.77
C LYS B 597 24.48 -0.03 -3.88
N LEU B 598 23.30 -0.58 -4.15
CA LEU B 598 22.12 -0.30 -3.32
C LEU B 598 22.35 -0.74 -1.88
N ALA B 599 22.81 -1.97 -1.69
CA ALA B 599 23.06 -2.50 -0.35
C ALA B 599 24.01 -1.60 0.41
N GLU B 600 25.05 -1.14 -0.27
CA GLU B 600 26.05 -0.29 0.35
C GLU B 600 25.44 1.06 0.73
N ALA B 601 24.68 1.66 -0.20
CA ALA B 601 23.97 2.91 0.09
C ALA B 601 23.07 2.78 1.32
N MET B 602 22.50 1.58 1.49
CA MET B 602 21.57 1.33 2.59
C MET B 602 22.30 0.97 3.89
N GLY B 603 23.63 0.86 3.82
CA GLY B 603 24.43 0.55 5.01
C GLY B 603 24.69 -0.93 5.22
N LEU B 604 24.49 -1.74 4.19
CA LEU B 604 24.75 -3.17 4.27
C LEU B 604 25.99 -3.56 3.49
N LYS B 605 26.52 -4.73 3.81
CA LYS B 605 27.52 -5.37 2.96
C LYS B 605 26.80 -5.93 1.73
N GLY B 606 27.40 -5.76 0.56
CA GLY B 606 26.85 -6.32 -0.66
C GLY B 606 27.80 -7.29 -1.34
N LEU B 607 27.27 -8.40 -1.81
CA LEU B 607 28.07 -9.43 -2.49
C LEU B 607 27.37 -9.84 -3.78
N ARG B 608 28.15 -10.19 -4.80
CA ARG B 608 27.57 -10.66 -6.06
C ARG B 608 28.28 -11.92 -6.56
N VAL B 609 27.51 -12.85 -7.13
CA VAL B 609 28.09 -14.02 -7.81
C VAL B 609 27.55 -14.16 -9.23
N LYS B 610 28.46 -14.30 -10.19
CA LYS B 610 28.09 -14.59 -11.58
C LYS B 610 28.56 -15.98 -11.95
N LYS B 611 29.74 -16.35 -11.47
CA LYS B 611 30.40 -17.59 -11.90
C LYS B 611 30.08 -18.78 -11.01
N GLN B 612 29.92 -19.94 -11.64
CA GLN B 612 29.72 -21.19 -10.92
C GLN B 612 30.82 -21.43 -9.88
N GLU B 613 32.05 -21.08 -10.25
CA GLU B 613 33.21 -21.37 -9.41
C GLU B 613 33.22 -20.56 -8.12
N GLU B 614 32.61 -19.38 -8.16
CA GLU B 614 32.59 -18.48 -7.00
C GLU B 614 31.47 -18.80 -6.03
N LEU B 615 30.51 -19.64 -6.45
CA LEU B 615 29.26 -19.78 -5.71
C LEU B 615 29.42 -20.27 -4.27
N ASP B 616 30.13 -21.38 -4.09
CA ASP B 616 30.32 -21.97 -2.76
C ASP B 616 30.99 -20.99 -1.78
N ALA B 617 32.06 -20.34 -2.23
CA ALA B 617 32.79 -19.39 -1.40
C ALA B 617 31.91 -18.21 -0.99
N LYS B 618 31.15 -17.69 -1.95
CA LYS B 618 30.30 -16.54 -1.73
C LYS B 618 29.15 -16.85 -0.77
N LEU B 619 28.58 -18.05 -0.92
CA LEU B 619 27.51 -18.49 -0.03
C LEU B 619 28.04 -18.57 1.40
N LYS B 620 29.24 -19.11 1.56
CA LYS B 620 29.85 -19.24 2.87
C LYS B 620 30.15 -17.88 3.50
N GLU B 621 30.71 -16.97 2.71
CA GLU B 621 30.96 -15.62 3.18
C GLU B 621 29.63 -14.95 3.55
N PHE B 622 28.60 -15.21 2.76
CA PHE B 622 27.25 -14.69 2.96
C PHE B 622 26.71 -15.00 4.36
N VAL B 623 26.61 -16.28 4.71
CA VAL B 623 26.04 -16.65 6.02
C VAL B 623 26.99 -16.39 7.18
N SER B 624 28.28 -16.23 6.90
CA SER B 624 29.28 -16.01 7.95
C SER B 624 29.44 -14.53 8.32
N THR B 625 28.88 -13.66 7.49
CA THR B 625 28.92 -12.23 7.74
C THR B 625 28.15 -11.89 9.03
N LYS B 626 28.78 -11.12 9.90
CA LYS B 626 28.21 -10.79 11.20
C LYS B 626 26.91 -9.99 11.07
N GLY B 627 26.96 -8.86 10.38
CA GLY B 627 25.81 -7.99 10.24
C GLY B 627 24.89 -8.35 9.09
N PRO B 628 23.98 -7.43 8.72
CA PRO B 628 23.07 -7.65 7.59
C PRO B 628 23.85 -7.63 6.30
N VAL B 629 23.43 -8.44 5.32
CA VAL B 629 24.21 -8.58 4.10
C VAL B 629 23.30 -8.98 2.95
N LEU B 630 23.60 -8.48 1.76
CA LEU B 630 22.87 -8.86 0.56
C LEU B 630 23.80 -9.61 -0.39
N LEU B 631 23.32 -10.74 -0.89
CA LEU B 631 24.03 -11.51 -1.90
C LEU B 631 23.16 -11.64 -3.14
N GLU B 632 23.63 -11.10 -4.26
CA GLU B 632 22.95 -11.29 -5.54
C GLU B 632 23.61 -12.41 -6.31
N VAL B 633 22.81 -13.40 -6.70
CA VAL B 633 23.31 -14.45 -7.58
C VAL B 633 22.65 -14.29 -8.94
N GLU B 634 23.46 -14.11 -9.98
CA GLU B 634 22.92 -14.06 -11.33
C GLU B 634 22.58 -15.48 -11.76
N VAL B 635 21.30 -15.74 -12.02
CA VAL B 635 20.90 -17.08 -12.39
C VAL B 635 20.35 -17.12 -13.80
N ASP B 636 20.23 -18.33 -14.34
CA ASP B 636 19.69 -18.53 -15.68
C ASP B 636 18.25 -18.03 -15.79
N LYS B 637 17.88 -17.57 -16.98
CA LYS B 637 16.57 -16.97 -17.21
C LYS B 637 15.63 -17.95 -17.92
N LYS B 638 14.34 -17.68 -17.81
CA LYS B 638 13.31 -18.48 -18.49
C LYS B 638 13.42 -19.97 -18.12
N VAL B 639 13.69 -20.23 -16.85
CA VAL B 639 13.73 -21.60 -16.33
C VAL B 639 12.42 -21.88 -15.62
N PRO B 640 11.65 -22.86 -16.13
CA PRO B 640 10.33 -23.13 -15.53
C PRO B 640 10.42 -23.86 -14.20
N VAL B 641 9.47 -23.57 -13.31
CA VAL B 641 9.30 -24.37 -12.10
C VAL B 641 8.50 -25.61 -12.47
N LEU B 642 9.09 -26.78 -12.22
CA LEU B 642 8.42 -28.06 -12.49
C LEU B 642 8.54 -28.94 -11.24
N PRO B 643 7.59 -29.87 -11.04
CA PRO B 643 6.42 -30.17 -11.87
C PRO B 643 5.40 -29.04 -11.85
N MET B 644 4.40 -29.11 -12.72
CA MET B 644 3.35 -28.09 -12.75
C MET B 644 1.99 -28.68 -13.10
N VAL B 645 1.03 -28.47 -12.21
CA VAL B 645 -0.37 -28.78 -12.47
C VAL B 645 -1.12 -27.47 -12.64
N ALA B 646 -1.71 -27.28 -13.82
CA ALA B 646 -2.46 -26.06 -14.11
C ALA B 646 -3.63 -26.33 -15.05
N GLY B 647 -4.57 -25.38 -15.11
CA GLY B 647 -5.71 -25.50 -15.99
C GLY B 647 -6.68 -26.59 -15.57
N GLY B 648 -7.12 -27.39 -16.52
CA GLY B 648 -8.06 -28.45 -16.24
C GLY B 648 -7.42 -29.71 -15.68
N SER B 649 -6.10 -29.67 -15.52
CA SER B 649 -5.34 -30.84 -15.08
C SER B 649 -5.65 -31.27 -13.64
N GLY B 650 -5.72 -32.57 -13.42
CA GLY B 650 -5.78 -33.12 -12.07
C GLY B 650 -4.37 -33.21 -11.50
N LEU B 651 -4.27 -33.49 -10.20
CA LEU B 651 -2.97 -33.56 -9.53
C LEU B 651 -2.01 -34.57 -10.18
N ASP B 652 -2.56 -35.61 -10.79
CA ASP B 652 -1.75 -36.65 -11.43
C ASP B 652 -1.42 -36.32 -12.89
N GLU B 653 -1.91 -35.19 -13.38
CA GLU B 653 -1.70 -34.79 -14.77
C GLU B 653 -0.73 -33.61 -14.87
N PHE B 654 0.41 -33.74 -14.17
CA PHE B 654 1.39 -32.67 -14.09
C PHE B 654 2.34 -32.67 -15.29
N ILE B 655 2.85 -31.48 -15.62
CA ILE B 655 3.97 -31.36 -16.54
C ILE B 655 5.25 -31.68 -15.79
N ASN B 656 6.08 -32.56 -16.34
CA ASN B 656 7.35 -32.90 -15.69
C ASN B 656 8.55 -32.38 -16.49
N PHE B 657 9.70 -32.28 -15.81
CA PHE B 657 10.92 -31.84 -16.46
C PHE B 657 11.46 -32.83 -17.48
N ASP B 658 11.90 -32.30 -18.61
CA ASP B 658 12.62 -33.07 -19.62
C ASP B 658 13.64 -32.18 -20.32
N PRO B 659 14.92 -32.57 -20.29
CA PRO B 659 16.00 -31.71 -20.81
C PRO B 659 15.88 -31.39 -22.30
N GLU B 660 15.42 -32.36 -23.09
CA GLU B 660 15.26 -32.13 -24.53
C GLU B 660 14.12 -31.16 -24.82
N VAL B 661 13.02 -31.30 -24.09
CA VAL B 661 11.89 -30.38 -24.24
C VAL B 661 12.33 -28.96 -23.89
N GLU B 662 13.14 -28.84 -22.83
CA GLU B 662 13.64 -27.53 -22.43
C GLU B 662 14.49 -26.89 -23.53
N ARG B 663 15.35 -27.71 -24.15
CA ARG B 663 16.18 -27.21 -25.25
C ARG B 663 15.32 -26.79 -26.44
N GLN B 664 14.26 -27.53 -26.70
CA GLN B 664 13.31 -27.21 -27.76
C GLN B 664 12.56 -25.90 -27.45
N GLN B 665 12.16 -25.76 -26.18
CA GLN B 665 11.47 -24.56 -25.73
C GLN B 665 12.35 -23.30 -25.86
N THR B 666 13.64 -23.48 -25.59
CA THR B 666 14.62 -22.40 -25.74
C THR B 666 14.68 -21.92 -27.19
N GLU B 667 14.81 -22.86 -28.13
CA GLU B 667 14.86 -22.52 -29.55
C GLU B 667 13.57 -21.82 -29.99
N LEU B 668 12.43 -22.36 -29.55
CA LEU B 668 11.13 -21.80 -29.90
C LEU B 668 11.01 -20.37 -29.37
N ARG B 669 11.41 -20.18 -28.11
CA ARG B 669 11.37 -18.87 -27.48
C ARG B 669 12.23 -17.85 -28.22
N HIS B 670 13.48 -18.23 -28.52
CA HIS B 670 14.40 -17.36 -29.24
C HIS B 670 13.81 -16.96 -30.58
N LYS B 671 13.26 -17.96 -31.28
CA LYS B 671 12.58 -17.77 -32.55
C LYS B 671 11.48 -16.72 -32.44
N ARG B 672 10.61 -16.88 -31.45
CA ARG B 672 9.44 -16.01 -31.29
C ARG B 672 9.77 -14.60 -30.79
N THR B 673 10.89 -14.46 -30.07
CA THR B 673 11.26 -13.16 -29.52
C THR B 673 12.35 -12.46 -30.33
N GLY B 674 12.74 -13.06 -31.45
CA GLY B 674 13.83 -12.52 -32.26
C GLY B 674 15.14 -12.47 -31.50
N GLY B 675 15.26 -13.30 -30.47
CA GLY B 675 16.47 -13.38 -29.68
C GLY B 675 16.50 -12.49 -28.45
N LYS B 676 15.50 -11.62 -28.30
CA LYS B 676 15.44 -10.70 -27.17
C LYS B 676 15.30 -11.42 -25.83
N HIS B 677 14.57 -12.53 -25.83
CA HIS B 677 14.42 -13.36 -24.64
C HIS B 677 14.47 -14.84 -24.99
MG MG C . 12.32 15.47 6.80
PA FAD D . -10.26 20.38 -3.06
O1A FAD D . -9.97 19.50 -4.29
O2A FAD D . -10.10 19.57 -1.80
O5B FAD D . -11.76 20.92 -3.17
C5B FAD D . -12.18 21.51 -4.41
C4B FAD D . -13.63 21.94 -4.26
O4B FAD D . -14.04 22.56 -5.50
C3B FAD D . -14.49 20.74 -4.05
O3B FAD D . -15.61 21.08 -3.21
C2B FAD D . -14.93 20.40 -5.42
O2B FAD D . -16.18 19.70 -5.41
C1B FAD D . -15.07 21.72 -6.06
N9A FAD D . -14.94 21.63 -7.46
C8A FAD D . -14.23 20.73 -8.15
N7A FAD D . -14.35 20.99 -9.45
C5A FAD D . -15.17 22.06 -9.61
C6A FAD D . -15.69 22.79 -10.72
N6A FAD D . -15.34 22.41 -12.01
N1A FAD D . -16.50 23.85 -10.50
C2A FAD D . -16.82 24.20 -9.26
N3A FAD D . -16.37 23.55 -8.19
C4A FAD D . -15.54 22.48 -8.34
N1 FAD D . -4.49 23.84 2.54
C2 FAD D . -4.54 25.25 2.57
O2 FAD D . -5.26 25.83 1.78
N3 FAD D . -3.81 25.97 3.48
C4 FAD D . -2.98 25.32 4.37
O4 FAD D . -2.33 25.96 5.17
C4X FAD D . -2.89 23.81 4.35
N5 FAD D . -2.06 23.11 5.24
C5X FAD D . -1.76 21.82 4.92
C6 FAD D . -0.67 21.20 5.56
C7 FAD D . -0.34 19.86 5.25
C7M FAD D . 0.86 19.17 5.94
C8 FAD D . -1.12 19.14 4.33
C8M FAD D . -0.75 17.68 4.00
C9 FAD D . -2.22 19.75 3.69
C9A FAD D . -2.53 21.10 3.99
N10 FAD D . -3.60 21.73 3.36
C10 FAD D . -3.65 23.11 3.43
C1' FAD D . -4.32 21.09 2.31
C2' FAD D . -5.78 20.79 2.76
O2' FAD D . -5.78 19.78 3.46
C3' FAD D . -6.70 20.54 1.49
O3' FAD D . -6.14 19.55 0.72
C4' FAD D . -6.86 21.76 0.62
O4' FAD D . -7.07 22.94 1.40
C5' FAD D . -8.03 21.58 -0.31
O5' FAD D . -7.97 22.67 -1.21
P FAD D . -9.21 22.87 -2.23
O1P FAD D . -8.91 24.06 -3.13
O2P FAD D . -10.49 23.08 -1.42
O3P FAD D . -9.29 21.60 -3.14
C2 60G E . -1.81 17.27 12.48
C4 60G E . 0.18 17.37 11.29
C5 60G E . -0.40 18.26 10.43
C6 60G E . -1.72 18.66 10.61
CAA 60G E . -4.41 14.34 11.40
OAR 60G E . -5.46 15.24 11.38
CAV 60G E . -6.20 15.42 12.53
OAE 60G E . -6.09 14.58 13.43
CBA 60G E . -7.43 16.25 12.49
CAK 60G E . -8.24 16.16 11.37
CAI 60G E . -9.41 16.90 11.27
CAH 60G E . -9.78 17.76 12.31
CAJ 60G E . -8.97 17.85 13.43
CAW 60G E . -7.78 17.10 13.55
CAM 60G E . -6.93 17.24 14.77
SBB 60G E . -5.77 18.57 14.54
OAF 60G E . -5.40 19.07 15.84
OAG 60G E . -6.38 19.72 13.91
NAQ 60G E . -4.40 18.16 13.74
CAU 60G E . -3.63 17.09 14.25
OAD 60G E . -3.99 16.48 15.23
NAP 60G E . -2.42 16.67 13.62
N3 60G E . -0.54 16.90 12.30
N1 60G E . -2.42 18.15 11.66
OAS 60G E . -2.31 19.55 9.74
CAB 60G E . -1.68 19.84 8.55
OAT 60G E . 1.47 16.94 11.16
CAC 60G E . 1.99 16.18 12.19
MG MG F . 4.41 32.35 -2.85
N1' TPP G . 2.48 8.16 6.89
C2' TPP G . 2.05 8.52 5.66
CM2 TPP G . 1.96 7.51 4.56
N3' TPP G . 1.70 9.80 5.43
C4' TPP G . 1.76 10.72 6.41
N4' TPP G . 1.35 12.02 6.06
C5' TPP G . 2.22 10.36 7.69
C6' TPP G . 2.57 9.06 7.90
C7' TPP G . 2.33 11.33 8.86
N3 TPP G . 3.31 12.36 8.51
C2 TPP G . 2.87 13.50 7.98
S1 TPP G . 4.19 14.59 7.62
C5 TPP G . 5.34 13.43 8.24
C4 TPP G . 4.64 12.29 8.70
CM4 TPP G . 5.34 11.09 9.30
C6 TPP G . 6.83 13.70 8.28
C7 TPP G . 7.40 13.93 6.90
O7 TPP G . 8.80 14.03 7.02
PA TPP G . 9.54 14.51 5.75
O1A TPP G . 11.00 14.23 5.89
O2A TPP G . 9.06 13.75 4.52
O3A TPP G . 9.21 16.03 5.49
PB TPP G . 9.73 17.14 6.47
O1B TPP G . 10.87 16.70 7.33
O2B TPP G . 10.13 18.31 5.60
O3B TPP G . 8.59 17.59 7.37
PA FAD H . -4.02 -22.01 5.45
O1A FAD H . -3.60 -21.04 6.56
O2A FAD H . -4.40 -21.25 4.20
O5B FAD H . -5.30 -22.84 5.99
C5B FAD H . -5.13 -23.55 7.23
C4B FAD H . -6.44 -24.28 7.54
O4B FAD H . -6.29 -24.89 8.82
C3B FAD H . -7.52 -23.25 7.66
O3B FAD H . -8.78 -23.79 7.24
C2B FAD H . -7.55 -22.97 9.11
O2B FAD H . -8.85 -22.52 9.52
C1B FAD H . -7.23 -24.26 9.73
N9A FAD H . -6.65 -24.10 11.00
C8A FAD H . -5.91 -23.08 11.42
N7A FAD H . -5.55 -23.28 12.69
C5A FAD H . -6.08 -24.47 13.12
C6A FAD H . -6.06 -25.22 14.33
N6A FAD H . -5.37 -24.78 15.45
N1A FAD H . -6.73 -26.40 14.37
C2A FAD H . -7.38 -26.85 13.33
N3A FAD H . -7.42 -26.18 12.16
C4A FAD H . -6.79 -25.00 12.03
N1 FAD H . 0.40 -24.29 -1.75
C2 FAD H . 0.61 -25.70 -1.82
O2 FAD H . 0.31 -26.39 -0.86
N3 FAD H . 1.13 -26.28 -2.95
C4 FAD H . 1.48 -25.50 -4.03
O4 FAD H . 1.96 -26.01 -5.03
C4X FAD H . 1.28 -23.99 -3.97
N5 FAD H . 1.63 -23.18 -5.05
C5X FAD H . 1.75 -21.83 -4.83
C6 FAD H . 2.40 -21.02 -5.78
C7 FAD H . 2.53 -19.65 -5.57
C7M FAD H . 3.26 -18.78 -6.61
C8 FAD H . 1.98 -19.07 -4.42
C8M FAD H . 2.12 -17.55 -4.20
C9 FAD H . 1.31 -19.86 -3.47
C9A FAD H . 1.19 -21.26 -3.68
N10 FAD H . 0.55 -22.06 -2.76
C10 FAD H . 0.75 -23.44 -2.84
C1' FAD H . 0.06 -21.56 -1.53
C2' FAD H . -1.49 -21.65 -1.50
O2' FAD H . -1.95 -20.71 -2.13
C3' FAD H . -2.04 -21.59 -0.02
O3' FAD H . -1.48 -20.51 0.62
C4' FAD H . -1.72 -22.85 0.75
O4' FAD H . -2.01 -24.02 0.00
C5' FAD H . -2.54 -22.88 2.01
O5' FAD H . -1.92 -23.79 2.89
P FAD H . -2.70 -24.21 4.23
O1P FAD H . -1.89 -25.28 4.94
O2P FAD H . -4.09 -24.73 3.86
O3P FAD H . -2.81 -22.97 5.19
MG MG I . 12.75 -12.61 -11.04
C2 60G J . -1.64 -17.77 -11.86
C4 60G J . 0.60 -17.40 -11.37
C5 60G J . 0.52 -18.35 -10.37
C6 60G J . -0.68 -19.01 -10.13
CAA 60G J . -4.18 -15.63 -10.02
OAR 60G J . -5.12 -16.55 -9.57
CAV 60G J . -6.17 -16.88 -10.39
OAE 60G J . -6.51 -16.10 -11.28
CBA 60G J . -7.11 -17.97 -9.97
CAK 60G J . -7.54 -17.99 -8.65
CAI 60G J . -8.41 -18.97 -8.20
CAH 60G J . -8.88 -19.93 -9.08
CAJ 60G J . -8.47 -19.91 -10.41
CAW 60G J . -7.58 -18.93 -10.89
CAM 60G J . -7.15 -18.95 -12.33
SBB 60G J . -5.72 -19.98 -12.56
OAF 60G J . -5.71 -20.43 -13.94
OAG 60G J . -5.82 -21.20 -11.81
NAQ 60G J . -4.29 -19.25 -12.26
CAU 60G J . -3.95 -18.05 -12.95
OAD 60G J . -4.73 -17.55 -13.75
NAP 60G J . -2.71 -17.38 -12.73
N3 60G J . -0.48 -17.14 -12.10
N1 60G J . -1.77 -18.71 -10.89
OAS 60G J . -0.76 -19.96 -9.14
CAB 60G J . 0.30 -20.06 -8.25
OAT 60G J . 1.76 -16.72 -11.64
CAC 60G J . 1.68 -15.65 -12.50
MG MG K . 12.08 -30.29 0.20
N1' TPP L . 2.00 -7.70 -7.65
C2' TPP L . 2.06 -8.09 -6.36
CM2 TPP L . 2.10 -7.11 -5.25
N3' TPP L . 2.09 -9.43 -6.09
C4' TPP L . 2.06 -10.33 -7.09
N4' TPP L . 2.08 -11.69 -6.69
C5' TPP L . 1.99 -9.93 -8.43
C6' TPP L . 1.96 -8.57 -8.67
C7' TPP L . 1.95 -10.88 -9.62
N3 TPP L . 3.19 -11.69 -9.64
C2 TPP L . 3.18 -12.88 -9.04
S1 TPP L . 4.74 -13.66 -9.15
C5 TPP L . 5.38 -12.31 -10.05
C4 TPP L . 4.36 -11.34 -10.21
CM4 TPP L . 4.58 -10.06 -10.96
C6 TPP L . 6.82 -12.24 -10.57
C7 TPP L . 7.86 -12.19 -9.45
O7 TPP L . 9.12 -11.98 -10.03
PA TPP L . 10.32 -12.29 -9.06
O1A TPP L . 10.11 -11.63 -7.71
O2A TPP L . 11.56 -11.76 -9.69
O3A TPP L . 10.39 -13.83 -8.74
PB TPP L . 10.82 -14.85 -9.86
O1B TPP L . 11.73 -15.86 -9.20
O2B TPP L . 11.52 -14.23 -11.03
O3B TPP L . 9.56 -15.54 -10.35
#